data_5SA2
#
_entry.id   5SA2
#
_cell.length_a   80.050
_cell.length_b   108.700
_cell.length_c   112.090
_cell.angle_alpha   90.000
_cell.angle_beta   90.000
_cell.angle_gamma   90.000
#
_symmetry.space_group_name_H-M   'P 21 21 21'
#
loop_
_entity.id
_entity.type
_entity.pdbx_description
1 polymer 'N(1),N(8)-bis(glutathionyl)spermidine reductase'
2 non-polymer 'FLAVIN-ADENINE DINUCLEOTIDE'
3 non-polymer 'DIMETHYL SULFOXIDE'
4 non-polymer 'MAGNESIUM ION'
5 non-polymer N-(3-methylpyridin-4-yl)acetamide
6 non-polymer 'BROMIDE ION'
7 water water
#
_entity_poly.entity_id   1
_entity_poly.type   'polypeptide(L)'
_entity_poly.pdbx_seq_one_letter_code
;GSHMSKAFDLVVIGAGSGGLEAGWNAATLYGKRVAVVDVQTSHGPPFYAALGGTCVNVGCVPKKLMVTGAQYMDHLRESA
GFGWEFDGSSVKANWKKLIAAKNEAVLDINKSYEGMFNDTEGLDFFLGWGSLESKNVVVVRETADPKSAVKERLQADHIL
LATGSWPQMPAIPGIEHCISSNEAFYLPEPPRRVLTVGGGFISVEFAGIFNAYKPPGGKVTLCYRNNLILRGFDETIREE
VTKQLTANGIEIMTNENPAKVSLNTDGSKHVTFESGKTLDVDVVMMAIGRIPRTNDLQLGNVGVKLTPKGGVQVDEFSRT
NVPNIYAIGDITDRLMLTPVAINEGAALVDTVFGNKPRKTDHTRVASAVFSIPPIGTCGLIEEVAAKEFEKVAVYMSSFT
PLMHNISGSKYKKFVAKIVTNHSDGTVLGVHLLGDGAPEIIQAVGVCLRLNAKISDFYNTIGVHPTSAEELCSMRTPSYY
YVKGEKMEKLPDSNL
;
_entity_poly.pdbx_strand_id   A,B
#
loop_
_chem_comp.id
_chem_comp.type
_chem_comp.name
_chem_comp.formula
BR non-polymer 'BROMIDE ION' 'Br -1'
DMS non-polymer 'DIMETHYL SULFOXIDE' 'C2 H6 O S'
FAD non-polymer 'FLAVIN-ADENINE DINUCLEOTIDE' 'C27 H33 N9 O15 P2'
MG non-polymer 'MAGNESIUM ION' 'Mg 2'
WKY non-polymer N-(3-methylpyridin-4-yl)acetamide 'C8 H10 N2 O'
#
# COMPACT_ATOMS: atom_id res chain seq x y z
N LYS A 6 -15.28 -22.46 38.67
CA LYS A 6 -14.28 -23.44 38.11
C LYS A 6 -14.88 -24.23 36.94
N ALA A 7 -16.09 -23.86 36.51
CA ALA A 7 -16.84 -24.51 35.40
C ALA A 7 -16.92 -23.54 34.21
N PHE A 8 -16.47 -23.99 33.04
CA PHE A 8 -16.45 -23.17 31.80
C PHE A 8 -16.98 -23.98 30.61
N ASP A 9 -17.72 -23.32 29.72
CA ASP A 9 -18.04 -23.84 28.37
C ASP A 9 -16.71 -24.13 27.65
N LEU A 10 -15.82 -23.13 27.56
CA LEU A 10 -14.52 -23.22 26.81
C LEU A 10 -13.35 -22.83 27.72
N VAL A 11 -12.34 -23.70 27.85
CA VAL A 11 -11.00 -23.41 28.42
C VAL A 11 -9.97 -23.37 27.28
N VAL A 12 -9.27 -22.24 27.17
CA VAL A 12 -8.23 -21.97 26.14
C VAL A 12 -6.87 -21.95 26.83
N ILE A 13 -5.93 -22.78 26.38
CA ILE A 13 -4.51 -22.74 26.85
C ILE A 13 -3.70 -21.94 25.82
N GLY A 14 -3.34 -20.72 26.21
CA GLY A 14 -2.59 -19.74 25.41
C GLY A 14 -3.47 -18.55 25.07
N ALA A 15 -3.17 -17.38 25.65
CA ALA A 15 -3.90 -16.14 25.41
C ALA A 15 -3.22 -15.41 24.24
N GLY A 16 -3.07 -16.12 23.11
CA GLY A 16 -2.35 -15.63 21.91
C GLY A 16 -3.29 -15.27 20.79
N SER A 17 -2.75 -15.17 19.57
CA SER A 17 -3.54 -14.65 18.43
C SER A 17 -4.82 -15.48 18.27
N GLY A 18 -4.68 -16.80 18.19
CA GLY A 18 -5.79 -17.77 18.02
C GLY A 18 -6.61 -17.88 19.29
N GLY A 19 -5.95 -18.01 20.44
CA GLY A 19 -6.60 -18.23 21.75
C GLY A 19 -7.54 -17.12 22.13
N LEU A 20 -7.13 -15.85 21.94
CA LEU A 20 -7.96 -14.67 22.31
C LEU A 20 -9.11 -14.50 21.31
N GLU A 21 -8.88 -14.72 20.02
CA GLU A 21 -9.98 -14.59 19.04
C GLU A 21 -11.09 -15.57 19.43
N ALA A 22 -10.74 -16.81 19.71
CA ALA A 22 -11.72 -17.85 20.10
C ALA A 22 -12.41 -17.44 21.42
N GLY A 23 -11.60 -17.10 22.43
CA GLY A 23 -12.06 -16.64 23.76
C GLY A 23 -13.08 -15.53 23.68
N TRP A 24 -12.70 -14.39 23.10
N TRP A 24 -12.71 -14.40 23.08
CA TRP A 24 -13.52 -13.16 22.99
CA TRP A 24 -13.54 -13.16 23.01
C TRP A 24 -14.79 -13.43 22.17
C TRP A 24 -14.79 -13.41 22.16
N ASN A 25 -14.65 -14.14 21.05
CA ASN A 25 -15.78 -14.48 20.15
C ASN A 25 -16.81 -15.33 20.90
N ALA A 26 -16.36 -16.39 21.55
CA ALA A 26 -17.22 -17.33 22.27
C ALA A 26 -18.08 -16.51 23.26
N ALA A 27 -17.44 -15.59 23.99
CA ALA A 27 -18.06 -14.78 25.06
C ALA A 27 -19.00 -13.73 24.48
N THR A 28 -18.52 -12.89 23.56
CA THR A 28 -19.28 -11.70 23.11
C THR A 28 -20.39 -12.13 22.13
N LEU A 29 -20.15 -13.14 21.29
CA LEU A 29 -21.06 -13.51 20.16
C LEU A 29 -22.09 -14.55 20.61
N TYR A 30 -21.70 -15.50 21.47
CA TYR A 30 -22.49 -16.67 21.91
C TYR A 30 -22.65 -16.73 23.44
N GLY A 31 -22.45 -15.60 24.14
CA GLY A 31 -22.58 -15.50 25.60
C GLY A 31 -22.06 -16.74 26.31
N LYS A 32 -20.97 -17.33 25.82
CA LYS A 32 -20.36 -18.54 26.45
C LYS A 32 -19.48 -18.13 27.64
N ARG A 33 -19.13 -19.10 28.47
CA ARG A 33 -18.33 -18.89 29.70
C ARG A 33 -16.93 -19.39 29.42
N VAL A 34 -15.97 -18.47 29.34
CA VAL A 34 -14.61 -18.76 28.78
C VAL A 34 -13.54 -18.49 29.83
N ALA A 35 -12.69 -19.50 30.02
CA ALA A 35 -11.39 -19.47 30.73
C ALA A 35 -10.23 -19.37 29.72
N VAL A 36 -9.30 -18.43 29.91
CA VAL A 36 -8.03 -18.39 29.11
C VAL A 36 -6.81 -18.38 30.06
N VAL A 37 -5.87 -19.29 29.82
CA VAL A 37 -4.61 -19.52 30.58
C VAL A 37 -3.43 -18.93 29.78
N ASP A 38 -2.54 -18.16 30.43
CA ASP A 38 -1.18 -17.88 29.90
C ASP A 38 -0.20 -17.79 31.08
N VAL A 39 1.08 -17.91 30.77
CA VAL A 39 2.17 -18.05 31.78
C VAL A 39 2.59 -16.66 32.29
N GLN A 40 2.17 -15.59 31.62
CA GLN A 40 2.70 -14.22 31.86
C GLN A 40 1.70 -13.16 31.37
N THR A 41 1.64 -11.99 32.04
CA THR A 41 0.59 -10.95 31.77
C THR A 41 1.15 -9.81 30.92
N SER A 42 2.46 -9.76 30.73
CA SER A 42 3.10 -8.68 29.95
C SER A 42 4.42 -9.22 29.42
N HIS A 43 4.95 -8.54 28.42
CA HIS A 43 6.04 -9.00 27.54
C HIS A 43 7.35 -9.20 28.28
N GLY A 44 8.16 -10.11 27.76
CA GLY A 44 9.61 -10.13 27.97
C GLY A 44 10.02 -11.24 28.93
N PRO A 45 11.30 -11.23 29.37
CA PRO A 45 11.82 -12.31 30.20
C PRO A 45 10.97 -12.46 31.46
N PRO A 46 10.84 -13.68 32.05
CA PRO A 46 11.49 -14.89 31.53
C PRO A 46 10.85 -15.69 30.38
N PHE A 47 9.55 -15.55 30.11
CA PHE A 47 8.81 -16.45 29.16
C PHE A 47 8.49 -15.76 27.82
N TYR A 48 8.74 -14.46 27.68
CA TYR A 48 8.80 -13.69 26.41
C TYR A 48 7.38 -13.44 25.87
N ALA A 49 6.71 -14.50 25.43
CA ALA A 49 5.26 -14.46 25.11
C ALA A 49 4.47 -14.31 26.41
N ALA A 50 3.28 -13.77 26.30
CA ALA A 50 2.44 -13.36 27.44
C ALA A 50 1.04 -13.14 26.88
N LEU A 51 0.09 -12.83 27.76
CA LEU A 51 -1.20 -12.20 27.39
C LEU A 51 -1.01 -11.41 26.09
N GLY A 52 -1.74 -11.78 25.03
CA GLY A 52 -1.62 -11.18 23.68
C GLY A 52 -1.00 -12.14 22.70
N GLY A 53 -0.05 -12.95 23.19
CA GLY A 53 0.64 -14.02 22.45
C GLY A 53 1.97 -13.59 21.86
N THR A 54 2.53 -14.42 20.99
CA THR A 54 3.89 -14.27 20.44
C THR A 54 3.93 -13.02 19.55
N CYS A 55 2.92 -12.85 18.70
CA CYS A 55 2.88 -11.76 17.73
C CYS A 55 2.98 -10.43 18.51
N VAL A 56 2.12 -10.29 19.51
CA VAL A 56 2.00 -9.03 20.29
C VAL A 56 3.31 -8.77 21.02
N ASN A 57 3.84 -9.77 21.72
CA ASN A 57 4.93 -9.62 22.72
C ASN A 57 6.30 -9.66 22.04
N VAL A 58 6.59 -10.66 21.22
CA VAL A 58 7.92 -10.92 20.63
C VAL A 58 7.81 -11.36 19.16
N GLY A 59 6.96 -10.69 18.39
CA GLY A 59 6.60 -11.11 17.02
C GLY A 59 6.21 -9.95 16.14
N CYS A 60 5.11 -10.11 15.39
CA CYS A 60 4.71 -9.18 14.31
C CYS A 60 4.83 -7.73 14.80
N VAL A 61 4.29 -7.46 15.98
CA VAL A 61 4.01 -6.09 16.48
C VAL A 61 5.33 -5.37 16.74
N PRO A 62 6.17 -5.83 17.70
CA PRO A 62 7.46 -5.20 17.95
C PRO A 62 8.37 -5.22 16.72
N LYS A 63 8.40 -6.33 15.96
CA LYS A 63 9.21 -6.48 14.73
C LYS A 63 8.83 -5.36 13.75
N LYS A 64 7.54 -5.11 13.56
CA LYS A 64 7.08 -4.13 12.55
C LYS A 64 7.55 -2.73 13.00
N LEU A 65 7.43 -2.44 14.30
CA LEU A 65 7.93 -1.14 14.88
C LEU A 65 9.43 -1.00 14.62
N MET A 66 10.17 -2.10 14.77
CA MET A 66 11.63 -2.06 14.67
C MET A 66 12.07 -1.95 13.21
N VAL A 67 11.39 -2.64 12.30
CA VAL A 67 11.62 -2.48 10.85
C VAL A 67 11.27 -1.06 10.44
N THR A 68 10.14 -0.53 10.88
CA THR A 68 9.80 0.90 10.62
C THR A 68 10.96 1.78 11.08
N GLY A 69 11.49 1.56 12.29
CA GLY A 69 12.66 2.32 12.77
C GLY A 69 13.82 2.18 11.81
N ALA A 70 14.12 0.95 11.40
CA ALA A 70 15.24 0.62 10.51
C ALA A 70 15.07 1.33 9.15
N GLN A 71 13.83 1.52 8.69
CA GLN A 71 13.54 2.14 7.39
C GLN A 71 14.11 3.56 7.36
N TYR A 72 14.20 4.26 8.49
CA TYR A 72 14.69 5.67 8.50
C TYR A 72 16.13 5.75 8.05
N MET A 73 16.93 4.69 8.19
CA MET A 73 18.27 4.71 7.59
C MET A 73 18.12 5.03 6.11
N ASP A 74 17.20 4.35 5.44
CA ASP A 74 16.99 4.57 4.00
C ASP A 74 16.35 5.94 3.77
N HIS A 75 15.29 6.29 4.49
CA HIS A 75 14.60 7.61 4.28
C HIS A 75 15.61 8.77 4.45
N LEU A 76 16.42 8.77 5.52
CA LEU A 76 17.37 9.87 5.80
C LEU A 76 18.29 10.03 4.58
N ARG A 77 18.79 8.94 4.00
CA ARG A 77 19.73 8.98 2.85
C ARG A 77 18.96 9.45 1.60
N GLU A 78 17.79 8.83 1.37
CA GLU A 78 16.97 9.01 0.17
C GLU A 78 16.42 10.43 0.07
N SER A 79 16.25 11.09 1.19
CA SER A 79 15.70 12.47 1.25
C SER A 79 16.56 13.42 0.42
N ALA A 80 17.89 13.19 0.34
CA ALA A 80 18.84 14.12 -0.31
C ALA A 80 18.45 14.28 -1.77
N GLY A 81 18.02 13.19 -2.44
CA GLY A 81 17.59 13.22 -3.85
C GLY A 81 16.40 14.16 -4.07
N PHE A 82 15.62 14.41 -3.02
CA PHE A 82 14.43 15.28 -3.10
C PHE A 82 14.77 16.68 -2.56
N GLY A 83 16.07 16.94 -2.32
CA GLY A 83 16.56 18.28 -1.91
C GLY A 83 16.69 18.44 -0.40
N TRP A 84 16.45 17.42 0.41
CA TRP A 84 16.63 17.55 1.88
C TRP A 84 18.13 17.58 2.19
N GLU A 85 18.49 18.49 3.09
CA GLU A 85 19.90 18.77 3.44
C GLU A 85 20.00 18.76 4.95
N PHE A 86 21.05 18.13 5.45
CA PHE A 86 21.38 18.17 6.88
C PHE A 86 22.77 17.61 7.05
N ASP A 87 23.27 17.73 8.28
CA ASP A 87 24.60 17.25 8.68
C ASP A 87 24.51 15.71 8.79
N GLY A 88 24.92 15.01 7.74
CA GLY A 88 24.93 13.55 7.72
C GLY A 88 25.85 13.02 8.81
N SER A 89 26.91 13.76 9.16
CA SER A 89 27.90 13.32 10.18
C SER A 89 27.26 13.32 11.56
N SER A 90 26.13 14.00 11.79
CA SER A 90 25.42 14.04 13.11
C SER A 90 24.43 12.87 13.26
N VAL A 91 24.18 12.08 12.21
CA VAL A 91 23.12 11.02 12.29
C VAL A 91 23.59 9.90 13.22
N LYS A 92 22.79 9.59 14.24
CA LYS A 92 22.99 8.42 15.14
C LYS A 92 21.68 7.66 15.23
N ALA A 93 21.76 6.34 15.26
CA ALA A 93 20.60 5.46 15.48
C ALA A 93 20.63 4.98 16.94
N ASN A 94 19.71 5.52 17.73
CA ASN A 94 19.64 5.21 19.18
C ASN A 94 18.72 4.02 19.38
N TRP A 95 19.33 2.84 19.39
CA TRP A 95 18.69 1.52 19.63
C TRP A 95 17.98 1.52 20.96
N LYS A 96 18.63 2.09 21.97
CA LYS A 96 18.08 2.11 23.34
C LYS A 96 16.72 2.81 23.34
N LYS A 97 16.62 3.95 22.65
N LYS A 97 16.60 3.93 22.63
CA LYS A 97 15.36 4.72 22.47
CA LYS A 97 15.30 4.67 22.54
C LYS A 97 14.32 3.79 21.80
C LYS A 97 14.29 3.79 21.79
N LEU A 98 14.70 3.13 20.70
CA LEU A 98 13.79 2.24 19.91
C LEU A 98 13.22 1.15 20.83
N ILE A 99 14.08 0.47 21.58
CA ILE A 99 13.66 -0.65 22.45
C ILE A 99 12.74 -0.10 23.56
N ALA A 100 13.04 1.06 24.15
CA ALA A 100 12.17 1.67 25.19
C ALA A 100 10.80 2.01 24.59
N ALA A 101 10.77 2.56 23.37
CA ALA A 101 9.51 2.89 22.67
C ALA A 101 8.72 1.61 22.36
N LYS A 102 9.36 0.61 21.74
CA LYS A 102 8.73 -0.71 21.48
C LYS A 102 8.16 -1.27 22.79
N ASN A 103 8.93 -1.24 23.89
CA ASN A 103 8.52 -1.86 25.18
C ASN A 103 7.22 -1.21 25.66
N GLU A 104 7.19 0.12 25.62
CA GLU A 104 6.03 0.90 26.09
C GLU A 104 4.84 0.55 25.16
N ALA A 105 5.05 0.47 23.85
CA ALA A 105 3.96 0.17 22.89
C ALA A 105 3.38 -1.21 23.18
N VAL A 106 4.25 -2.21 23.37
CA VAL A 106 3.81 -3.61 23.67
C VAL A 106 3.11 -3.66 25.03
N LEU A 107 3.66 -3.01 26.07
CA LEU A 107 3.03 -3.00 27.42
C LEU A 107 1.60 -2.45 27.34
N ASP A 108 1.40 -1.35 26.60
CA ASP A 108 0.05 -0.76 26.39
C ASP A 108 -0.87 -1.81 25.77
N ILE A 109 -0.39 -2.59 24.80
CA ILE A 109 -1.23 -3.67 24.22
C ILE A 109 -1.50 -4.72 25.30
N ASN A 110 -0.51 -5.15 26.08
CA ASN A 110 -0.72 -6.14 27.16
C ASN A 110 -1.84 -5.65 28.08
N LYS A 111 -1.78 -4.37 28.43
CA LYS A 111 -2.75 -3.73 29.35
C LYS A 111 -4.09 -3.66 28.64
N SER A 112 -4.09 -3.35 27.34
CA SER A 112 -5.31 -3.30 26.50
C SER A 112 -6.04 -4.64 26.65
N TYR A 113 -5.33 -5.78 26.60
CA TYR A 113 -5.92 -7.14 26.70
C TYR A 113 -6.39 -7.42 28.12
N GLU A 114 -5.67 -6.89 29.10
CA GLU A 114 -6.15 -7.04 30.50
C GLU A 114 -7.49 -6.32 30.60
N GLY A 115 -7.60 -5.09 30.08
CA GLY A 115 -8.84 -4.30 29.97
C GLY A 115 -9.97 -5.13 29.35
N MET A 116 -9.73 -5.69 28.16
CA MET A 116 -10.67 -6.59 27.45
C MET A 116 -11.21 -7.66 28.40
N PHE A 117 -10.36 -8.39 29.13
CA PHE A 117 -10.71 -9.52 30.02
C PHE A 117 -11.43 -9.01 31.27
N ASN A 118 -11.30 -7.70 31.56
CA ASN A 118 -11.96 -7.02 32.70
C ASN A 118 -13.37 -6.59 32.26
N ASP A 119 -13.45 -5.83 31.16
CA ASP A 119 -14.68 -5.18 30.65
C ASP A 119 -15.57 -6.16 29.89
N THR A 120 -15.32 -7.47 30.00
CA THR A 120 -16.05 -8.54 29.24
C THR A 120 -16.48 -9.64 30.20
N GLU A 121 -17.80 -9.89 30.29
CA GLU A 121 -18.42 -10.87 31.23
C GLU A 121 -18.17 -12.31 30.75
N GLY A 122 -17.82 -13.22 31.67
CA GLY A 122 -17.68 -14.67 31.41
C GLY A 122 -16.25 -15.03 31.04
N LEU A 123 -15.67 -14.25 30.13
CA LEU A 123 -14.23 -14.22 29.74
C LEU A 123 -13.34 -13.92 30.96
N ASP A 124 -12.68 -14.93 31.53
CA ASP A 124 -11.75 -14.71 32.67
C ASP A 124 -10.37 -15.31 32.36
N PHE A 125 -9.31 -14.53 32.67
CA PHE A 125 -7.88 -14.91 32.53
C PHE A 125 -7.37 -15.61 33.79
N PHE A 126 -6.61 -16.70 33.62
CA PHE A 126 -5.89 -17.45 34.67
C PHE A 126 -4.39 -17.47 34.32
N LEU A 127 -3.53 -17.20 35.31
CA LEU A 127 -2.06 -17.05 35.16
C LEU A 127 -1.37 -18.33 35.61
N GLY A 128 -0.41 -18.79 34.83
CA GLY A 128 0.27 -20.06 35.09
C GLY A 128 0.16 -20.96 33.90
N TRP A 129 0.60 -22.20 34.06
CA TRP A 129 0.85 -23.20 32.99
C TRP A 129 -0.33 -24.17 32.89
N GLY A 130 -1.08 -24.07 31.80
CA GLY A 130 -2.08 -25.08 31.37
C GLY A 130 -1.44 -26.38 30.95
N SER A 131 -1.99 -27.49 31.46
CA SER A 131 -1.78 -28.88 30.98
C SER A 131 -3.13 -29.62 31.08
N LEU A 132 -3.24 -30.76 30.39
CA LEU A 132 -4.48 -31.59 30.36
C LEU A 132 -4.39 -32.61 31.50
N GLU A 133 -5.29 -32.51 32.48
CA GLU A 133 -5.52 -33.62 33.46
C GLU A 133 -6.22 -34.77 32.74
N SER A 134 -7.38 -34.46 32.14
CA SER A 134 -8.34 -35.40 31.52
C SER A 134 -9.13 -34.70 30.40
N LYS A 135 -9.95 -35.48 29.69
CA LYS A 135 -10.83 -35.07 28.56
C LYS A 135 -11.43 -33.67 28.78
N ASN A 136 -11.78 -33.31 30.04
CA ASN A 136 -12.65 -32.13 30.32
C ASN A 136 -12.15 -31.32 31.52
N VAL A 137 -10.90 -31.54 31.95
CA VAL A 137 -10.25 -30.73 33.03
C VAL A 137 -8.83 -30.30 32.60
N VAL A 138 -8.59 -29.00 32.64
CA VAL A 138 -7.22 -28.41 32.49
C VAL A 138 -6.74 -28.02 33.89
N VAL A 139 -5.50 -28.36 34.22
CA VAL A 139 -4.89 -27.91 35.51
C VAL A 139 -3.91 -26.77 35.20
N VAL A 140 -4.01 -25.67 35.94
CA VAL A 140 -3.06 -24.52 35.88
C VAL A 140 -2.06 -24.71 37.03
N ARG A 141 -0.79 -24.92 36.70
CA ARG A 141 0.29 -25.08 37.69
C ARG A 141 1.12 -23.78 37.76
N GLU A 142 2.03 -23.71 38.74
CA GLU A 142 2.86 -22.51 39.02
C GLU A 142 4.04 -22.49 38.03
N THR A 143 4.48 -23.65 37.55
CA THR A 143 5.57 -23.75 36.53
C THR A 143 5.23 -24.80 35.46
N ALA A 144 6.14 -24.94 34.49
CA ALA A 144 6.08 -25.89 33.36
C ALA A 144 6.46 -27.29 33.82
N ASP A 145 7.12 -27.40 34.98
CA ASP A 145 7.27 -28.70 35.66
C ASP A 145 5.87 -29.18 36.07
N PRO A 146 5.42 -30.37 35.62
CA PRO A 146 4.10 -30.90 35.99
C PRO A 146 3.94 -31.28 37.48
N LYS A 147 5.03 -31.24 38.24
CA LYS A 147 5.10 -31.59 39.69
C LYS A 147 4.96 -30.32 40.54
N SER A 148 4.75 -29.14 39.92
CA SER A 148 4.60 -27.86 40.66
C SER A 148 3.14 -27.73 41.13
N ALA A 149 2.84 -26.70 41.93
CA ALA A 149 1.55 -26.53 42.65
C ALA A 149 0.41 -26.19 41.68
N VAL A 150 -0.74 -26.85 41.84
CA VAL A 150 -2.01 -26.49 41.14
C VAL A 150 -2.52 -25.15 41.67
N LYS A 151 -2.65 -24.14 40.82
CA LYS A 151 -3.21 -22.81 41.19
C LYS A 151 -4.73 -22.82 40.98
N GLU A 152 -5.18 -23.41 39.87
CA GLU A 152 -6.62 -23.64 39.58
C GLU A 152 -6.76 -24.97 38.83
N ARG A 153 -7.97 -25.53 38.86
CA ARG A 153 -8.35 -26.78 38.14
C ARG A 153 -9.68 -26.48 37.44
N LEU A 154 -9.63 -26.36 36.10
CA LEU A 154 -10.74 -25.77 35.31
C LEU A 154 -11.54 -26.90 34.63
N GLN A 155 -12.87 -26.85 34.78
CA GLN A 155 -13.84 -27.75 34.12
C GLN A 155 -14.27 -27.10 32.81
N ALA A 156 -14.22 -27.87 31.72
CA ALA A 156 -14.39 -27.42 30.32
C ALA A 156 -15.19 -28.45 29.52
N ASP A 157 -16.35 -28.03 29.00
CA ASP A 157 -17.14 -28.77 27.97
C ASP A 157 -16.31 -28.77 26.67
N HIS A 158 -15.41 -27.79 26.51
CA HIS A 158 -14.52 -27.63 25.32
C HIS A 158 -13.16 -27.07 25.71
N ILE A 159 -12.09 -27.72 25.24
CA ILE A 159 -10.67 -27.32 25.43
C ILE A 159 -10.04 -26.92 24.08
N LEU A 160 -9.42 -25.73 24.03
CA LEU A 160 -8.65 -25.25 22.86
C LEU A 160 -7.18 -25.12 23.28
N LEU A 161 -6.33 -25.92 22.63
CA LEU A 161 -4.85 -25.80 22.63
C LEU A 161 -4.41 -24.71 21.64
N ALA A 162 -3.81 -23.62 22.14
CA ALA A 162 -3.39 -22.46 21.33
C ALA A 162 -2.10 -21.91 21.92
N THR A 163 -1.10 -22.77 22.06
CA THR A 163 0.11 -22.51 22.89
C THR A 163 1.23 -21.99 21.98
N GLY A 164 0.97 -21.94 20.67
CA GLY A 164 1.88 -21.40 19.65
C GLY A 164 3.15 -22.21 19.53
N SER A 165 4.25 -21.52 19.22
CA SER A 165 5.56 -22.15 18.89
C SER A 165 6.68 -21.48 19.69
N TRP A 166 7.89 -21.90 19.42
CA TRP A 166 9.06 -21.53 20.23
C TRP A 166 10.28 -21.67 19.33
N PRO A 167 11.32 -20.84 19.48
CA PRO A 167 12.45 -20.91 18.57
C PRO A 167 13.19 -22.24 18.73
N GLN A 168 13.63 -22.80 17.61
CA GLN A 168 14.50 -24.00 17.64
C GLN A 168 15.96 -23.57 17.65
N MET A 169 16.76 -24.15 18.55
CA MET A 169 18.19 -23.81 18.70
C MET A 169 19.02 -25.04 18.35
N PRO A 170 19.82 -24.98 17.28
CA PRO A 170 20.57 -26.15 16.83
C PRO A 170 21.52 -26.59 17.97
N ALA A 171 21.64 -27.89 18.20
CA ALA A 171 22.34 -28.48 19.36
C ALA A 171 23.84 -28.52 19.04
N ILE A 172 24.43 -27.35 18.80
CA ILE A 172 25.87 -27.23 18.46
C ILE A 172 26.66 -26.80 19.69
N PRO A 173 27.96 -27.15 19.75
CA PRO A 173 28.85 -26.62 20.79
C PRO A 173 28.83 -25.09 20.80
N GLY A 174 28.51 -24.48 21.95
CA GLY A 174 28.44 -23.02 22.15
C GLY A 174 27.07 -22.41 21.83
N ILE A 175 26.03 -23.22 21.74
CA ILE A 175 24.67 -22.69 21.43
C ILE A 175 24.25 -21.74 22.56
N GLU A 176 24.76 -21.95 23.78
CA GLU A 176 24.41 -21.12 24.95
C GLU A 176 24.96 -19.69 24.78
N HIS A 177 25.83 -19.42 23.80
CA HIS A 177 26.37 -18.07 23.51
C HIS A 177 25.45 -17.34 22.51
N CYS A 178 24.47 -18.06 21.96
CA CYS A 178 23.59 -17.57 20.87
C CYS A 178 22.27 -17.09 21.46
N ILE A 179 21.55 -16.27 20.71
CA ILE A 179 20.18 -15.87 21.11
C ILE A 179 19.19 -16.32 20.03
N SER A 180 17.92 -16.15 20.36
CA SER A 180 16.80 -16.24 19.39
C SER A 180 16.23 -14.84 19.24
N SER A 181 15.20 -14.73 18.42
CA SER A 181 14.43 -13.48 18.23
C SER A 181 13.93 -13.04 19.60
N ASN A 182 13.62 -13.95 20.54
CA ASN A 182 13.13 -13.59 21.89
C ASN A 182 14.07 -12.57 22.52
N GLU A 183 15.36 -12.91 22.60
CA GLU A 183 16.37 -12.07 23.29
C GLU A 183 16.70 -10.87 22.41
N ALA A 184 16.63 -11.01 21.07
CA ALA A 184 16.93 -9.90 20.13
C ALA A 184 16.11 -8.67 20.49
N PHE A 185 14.86 -8.88 20.87
CA PHE A 185 13.93 -7.78 21.25
C PHE A 185 14.40 -7.02 22.49
N TYR A 186 15.36 -7.55 23.26
CA TYR A 186 15.71 -6.93 24.56
C TYR A 186 17.22 -6.64 24.65
N LEU A 187 17.96 -6.78 23.57
CA LEU A 187 19.40 -6.45 23.59
C LEU A 187 19.57 -5.05 24.15
N PRO A 188 20.43 -4.86 25.18
CA PRO A 188 20.62 -3.54 25.79
C PRO A 188 21.38 -2.59 24.86
N GLU A 189 22.13 -3.10 23.89
CA GLU A 189 22.94 -2.31 22.93
C GLU A 189 22.84 -2.93 21.54
N PRO A 190 22.90 -2.12 20.46
CA PRO A 190 22.81 -2.63 19.11
C PRO A 190 24.14 -3.30 18.83
N PRO A 191 24.16 -4.54 18.32
CA PRO A 191 25.41 -5.20 17.99
C PRO A 191 26.14 -4.51 16.84
N ARG A 192 27.45 -4.37 16.98
CA ARG A 192 28.34 -3.85 15.92
C ARG A 192 28.38 -4.88 14.81
N ARG A 193 28.62 -6.14 15.19
CA ARG A 193 28.73 -7.28 14.25
C ARG A 193 27.70 -8.31 14.68
N VAL A 194 26.87 -8.75 13.73
CA VAL A 194 25.85 -9.77 14.07
C VAL A 194 25.74 -10.77 12.93
N LEU A 195 25.59 -12.03 13.35
CA LEU A 195 25.28 -13.15 12.46
C LEU A 195 23.83 -13.54 12.73
N THR A 196 22.96 -13.33 11.75
CA THR A 196 21.61 -13.92 11.79
C THR A 196 21.69 -15.26 11.06
N VAL A 197 21.27 -16.31 11.74
CA VAL A 197 21.38 -17.68 11.20
C VAL A 197 19.99 -18.12 10.71
N GLY A 198 19.89 -18.33 9.41
CA GLY A 198 18.61 -18.75 8.80
C GLY A 198 18.27 -17.88 7.62
N GLY A 199 17.44 -18.43 6.74
CA GLY A 199 17.09 -17.88 5.42
C GLY A 199 15.62 -17.51 5.36
N GLY A 200 14.93 -17.61 6.50
CA GLY A 200 13.49 -17.36 6.63
C GLY A 200 13.23 -15.90 6.93
N PHE A 201 11.95 -15.54 7.06
CA PHE A 201 11.52 -14.13 7.22
C PHE A 201 12.16 -13.55 8.48
N ILE A 202 12.29 -14.30 9.58
CA ILE A 202 12.77 -13.74 10.88
C ILE A 202 14.23 -13.31 10.77
N SER A 203 15.08 -14.16 10.18
CA SER A 203 16.51 -13.87 9.96
C SER A 203 16.65 -12.64 9.05
N VAL A 204 15.90 -12.61 7.95
CA VAL A 204 15.93 -11.52 6.94
C VAL A 204 15.45 -10.22 7.60
N GLU A 205 14.34 -10.26 8.31
CA GLU A 205 13.79 -9.00 8.90
C GLU A 205 14.76 -8.44 9.92
N PHE A 206 15.39 -9.32 10.73
CA PHE A 206 16.31 -8.92 11.82
C PHE A 206 17.62 -8.46 11.20
N ALA A 207 18.06 -9.03 10.08
CA ALA A 207 19.27 -8.54 9.41
C ALA A 207 19.03 -7.08 9.02
N GLY A 208 17.84 -6.74 8.49
CA GLY A 208 17.49 -5.35 8.16
C GLY A 208 17.52 -4.46 9.39
N ILE A 209 16.89 -4.88 10.47
CA ILE A 209 16.84 -4.12 11.73
C ILE A 209 18.29 -3.85 12.17
N PHE A 210 19.10 -4.88 12.33
CA PHE A 210 20.45 -4.72 12.92
C PHE A 210 21.27 -3.83 11.99
N ASN A 211 20.99 -3.91 10.69
CA ASN A 211 21.79 -3.21 9.67
C ASN A 211 21.59 -1.70 9.86
N ALA A 212 20.39 -1.29 10.25
CA ALA A 212 20.04 0.14 10.36
C ALA A 212 20.63 0.72 11.66
N TYR A 213 20.67 -0.08 12.73
CA TYR A 213 21.01 0.36 14.10
C TYR A 213 22.46 0.06 14.47
N LYS A 214 23.24 -0.56 13.58
CA LYS A 214 24.61 -0.96 13.95
C LYS A 214 25.41 0.31 14.27
N PRO A 215 26.30 0.29 15.29
CA PRO A 215 27.22 1.40 15.51
C PRO A 215 28.26 1.47 14.38
N PRO A 216 29.08 2.54 14.35
CA PRO A 216 30.03 2.73 13.26
C PRO A 216 30.99 1.52 13.15
N GLY A 217 31.42 1.20 11.93
CA GLY A 217 32.26 0.03 11.65
C GLY A 217 31.51 -1.24 11.92
N GLY A 218 30.19 -1.20 11.72
CA GLY A 218 29.26 -2.32 12.00
C GLY A 218 29.14 -3.21 10.79
N LYS A 219 28.74 -4.46 10.98
CA LYS A 219 28.57 -5.40 9.85
C LYS A 219 27.52 -6.43 10.21
N VAL A 220 26.53 -6.58 9.33
CA VAL A 220 25.48 -7.62 9.48
C VAL A 220 25.76 -8.74 8.48
N THR A 221 25.87 -9.94 9.02
CA THR A 221 26.03 -11.18 8.21
C THR A 221 24.81 -12.05 8.43
N LEU A 222 24.19 -12.44 7.34
CA LEU A 222 23.10 -13.45 7.38
C LEU A 222 23.67 -14.70 6.74
N CYS A 223 23.63 -15.83 7.44
CA CYS A 223 24.04 -17.12 6.81
C CYS A 223 22.82 -18.00 6.57
N TYR A 224 22.84 -18.78 5.50
CA TYR A 224 21.78 -19.77 5.20
C TYR A 224 22.40 -21.04 4.64
N ARG A 225 21.92 -22.18 5.15
CA ARG A 225 22.58 -23.50 4.94
C ARG A 225 22.48 -23.88 3.45
N ASN A 226 21.47 -23.38 2.71
CA ASN A 226 21.27 -23.78 1.29
C ASN A 226 21.64 -22.59 0.40
N ASN A 227 21.29 -22.66 -0.88
CA ASN A 227 21.89 -21.79 -1.93
C ASN A 227 21.23 -20.41 -2.00
N LEU A 228 19.99 -20.25 -1.53
CA LEU A 228 19.14 -19.06 -1.81
C LEU A 228 18.12 -18.89 -0.68
N ILE A 229 18.09 -17.70 -0.05
CA ILE A 229 17.22 -17.40 1.13
C ILE A 229 15.75 -17.49 0.71
N LEU A 230 14.86 -17.54 1.70
CA LEU A 230 13.39 -17.33 1.49
C LEU A 230 12.81 -18.43 0.60
N ARG A 231 13.18 -19.67 0.89
CA ARG A 231 12.47 -20.84 0.34
C ARG A 231 10.98 -20.62 0.53
N GLY A 232 10.20 -20.91 -0.51
CA GLY A 232 8.74 -20.88 -0.48
C GLY A 232 8.19 -19.62 -1.11
N PHE A 233 9.05 -18.62 -1.29
CA PHE A 233 8.71 -17.35 -1.97
C PHE A 233 9.08 -17.49 -3.44
N ASP A 234 8.53 -16.57 -4.22
CA ASP A 234 8.77 -16.48 -5.68
C ASP A 234 10.27 -16.41 -5.93
N GLU A 235 10.77 -17.14 -6.94
CA GLU A 235 12.24 -17.24 -7.13
C GLU A 235 12.84 -15.87 -7.52
N THR A 236 12.17 -15.12 -8.39
CA THR A 236 12.66 -13.78 -8.84
C THR A 236 12.86 -12.91 -7.60
N ILE A 237 11.88 -12.92 -6.71
CA ILE A 237 11.91 -12.08 -5.50
C ILE A 237 13.01 -12.58 -4.56
N ARG A 238 13.22 -13.89 -4.44
CA ARG A 238 14.28 -14.42 -3.54
C ARG A 238 15.62 -13.84 -3.99
N GLU A 239 15.90 -13.87 -5.29
CA GLU A 239 17.20 -13.40 -5.84
C GLU A 239 17.28 -11.88 -5.67
N GLU A 240 16.16 -11.18 -5.90
CA GLU A 240 16.12 -9.71 -5.81
C GLU A 240 16.33 -9.20 -4.39
N VAL A 241 15.64 -9.81 -3.40
N VAL A 241 15.66 -9.80 -3.39
CA VAL A 241 15.80 -9.43 -1.96
CA VAL A 241 15.82 -9.38 -1.97
C VAL A 241 17.26 -9.63 -1.59
C VAL A 241 17.28 -9.63 -1.56
N THR A 242 17.85 -10.74 -2.02
CA THR A 242 19.29 -11.08 -1.78
C THR A 242 20.15 -9.91 -2.27
N LYS A 243 19.91 -9.43 -3.49
CA LYS A 243 20.64 -8.30 -4.14
C LYS A 243 20.41 -7.02 -3.35
N GLN A 244 19.17 -6.75 -2.97
CA GLN A 244 18.78 -5.45 -2.36
C GLN A 244 19.29 -5.39 -0.93
N LEU A 245 19.35 -6.53 -0.23
CA LEU A 245 19.95 -6.60 1.13
C LEU A 245 21.47 -6.38 0.99
N THR A 246 22.09 -7.03 -0.01
CA THR A 246 23.55 -6.88 -0.31
C THR A 246 23.84 -5.42 -0.67
N ALA A 247 23.01 -4.80 -1.50
CA ALA A 247 23.17 -3.37 -1.88
C ALA A 247 23.14 -2.45 -0.65
N ASN A 248 22.53 -2.88 0.46
CA ASN A 248 22.34 -2.01 1.64
C ASN A 248 23.33 -2.42 2.74
N GLY A 249 24.31 -3.25 2.40
CA GLY A 249 25.49 -3.52 3.23
C GLY A 249 25.42 -4.85 3.95
N ILE A 250 24.37 -5.64 3.77
CA ILE A 250 24.24 -6.93 4.52
C ILE A 250 25.02 -7.97 3.72
N GLU A 251 25.86 -8.76 4.39
CA GLU A 251 26.65 -9.85 3.77
C GLU A 251 25.81 -11.13 3.85
N ILE A 252 25.47 -11.71 2.70
CA ILE A 252 24.65 -12.96 2.59
C ILE A 252 25.62 -14.13 2.37
N MET A 253 25.85 -14.96 3.40
CA MET A 253 26.66 -16.20 3.33
C MET A 253 25.71 -17.36 3.11
N THR A 254 25.54 -17.81 1.87
CA THR A 254 24.71 -18.98 1.52
C THR A 254 25.57 -20.25 1.47
N ASN A 255 24.94 -21.42 1.60
CA ASN A 255 25.66 -22.72 1.64
C ASN A 255 26.62 -22.74 2.82
N GLU A 256 26.28 -22.03 3.91
CA GLU A 256 27.12 -21.93 5.13
C GLU A 256 26.26 -22.11 6.38
N ASN A 257 26.81 -22.74 7.41
CA ASN A 257 26.04 -23.07 8.62
C ASN A 257 27.02 -23.22 9.78
N PRO A 258 26.79 -22.53 10.92
CA PRO A 258 27.62 -22.67 12.11
C PRO A 258 27.73 -24.13 12.59
N ALA A 259 28.96 -24.58 12.86
CA ALA A 259 29.28 -25.88 13.46
C ALA A 259 29.52 -25.67 14.96
N LYS A 260 30.08 -24.53 15.35
CA LYS A 260 30.22 -24.23 16.80
C LYS A 260 30.46 -22.74 17.00
N VAL A 261 30.22 -22.31 18.23
CA VAL A 261 30.50 -20.94 18.71
C VAL A 261 31.32 -21.07 20.00
N SER A 262 32.36 -20.27 20.14
CA SER A 262 33.09 -20.08 21.42
C SER A 262 33.14 -18.59 21.76
N LEU A 263 33.17 -18.24 23.06
CA LEU A 263 33.43 -16.87 23.55
C LEU A 263 34.92 -16.55 23.35
N ASN A 264 35.21 -15.44 22.67
CA ASN A 264 36.52 -14.75 22.75
C ASN A 264 36.67 -14.13 24.15
N THR A 265 37.89 -13.80 24.56
CA THR A 265 38.22 -13.28 25.91
C THR A 265 37.53 -11.91 26.13
N ASP A 266 37.20 -11.18 25.06
CA ASP A 266 36.50 -9.85 25.14
C ASP A 266 34.96 -10.02 25.13
N GLY A 267 34.43 -11.24 25.14
CA GLY A 267 32.99 -11.53 25.24
C GLY A 267 32.34 -11.67 23.87
N SER A 268 33.09 -11.40 22.80
CA SER A 268 32.62 -11.55 21.41
C SER A 268 32.54 -13.03 21.07
N LYS A 269 31.86 -13.38 19.99
CA LYS A 269 31.54 -14.76 19.60
C LYS A 269 32.41 -15.15 18.41
N HIS A 270 33.13 -16.26 18.57
CA HIS A 270 33.94 -16.85 17.49
C HIS A 270 33.11 -17.99 16.90
N VAL A 271 32.57 -17.75 15.71
CA VAL A 271 31.72 -18.71 14.96
C VAL A 271 32.62 -19.53 14.04
N THR A 272 32.58 -20.85 14.18
CA THR A 272 33.16 -21.75 13.16
C THR A 272 32.04 -22.39 12.32
N PHE A 273 32.11 -22.20 11.01
CA PHE A 273 31.15 -22.80 10.04
C PHE A 273 31.58 -24.25 9.75
N GLU A 274 30.62 -25.06 9.29
CA GLU A 274 30.81 -26.43 8.77
C GLU A 274 31.87 -26.44 7.65
N SER A 275 31.89 -25.41 6.80
CA SER A 275 32.88 -25.23 5.70
C SER A 275 34.29 -24.95 6.23
N GLY A 276 34.48 -24.68 7.53
CA GLY A 276 35.80 -24.33 8.08
C GLY A 276 36.01 -22.82 8.22
N LYS A 277 35.19 -21.98 7.57
CA LYS A 277 35.30 -20.51 7.72
C LYS A 277 35.02 -20.11 9.16
N THR A 278 35.54 -18.96 9.55
CA THR A 278 35.30 -18.36 10.89
C THR A 278 34.81 -16.93 10.71
N LEU A 279 34.18 -16.43 11.76
CA LEU A 279 33.64 -15.06 11.81
C LEU A 279 33.48 -14.71 13.29
N ASP A 280 33.98 -13.53 13.66
CA ASP A 280 33.78 -12.94 15.01
C ASP A 280 32.62 -11.96 14.91
N VAL A 281 31.70 -12.04 15.87
CA VAL A 281 30.50 -11.17 15.90
C VAL A 281 30.20 -10.90 17.35
N ASP A 282 29.36 -9.88 17.58
CA ASP A 282 28.93 -9.53 18.93
C ASP A 282 27.69 -10.33 19.27
N VAL A 283 26.86 -10.65 18.27
CA VAL A 283 25.62 -11.44 18.47
C VAL A 283 25.49 -12.50 17.37
N VAL A 284 25.08 -13.70 17.82
CA VAL A 284 24.63 -14.82 16.95
C VAL A 284 23.15 -15.03 17.24
N MET A 285 22.32 -14.63 16.28
CA MET A 285 20.87 -14.79 16.47
C MET A 285 20.46 -15.97 15.63
N MET A 286 19.94 -17.00 16.27
CA MET A 286 19.48 -18.20 15.52
C MET A 286 18.02 -17.97 15.12
N ALA A 287 17.70 -18.16 13.84
CA ALA A 287 16.31 -18.04 13.33
C ALA A 287 16.10 -19.14 12.28
N ILE A 288 16.31 -20.39 12.70
CA ILE A 288 16.41 -21.56 11.78
C ILE A 288 15.07 -22.28 11.79
N GLY A 289 14.15 -21.91 12.67
CA GLY A 289 12.82 -22.54 12.70
C GLY A 289 12.16 -22.31 14.02
N ARG A 290 10.84 -22.45 14.01
CA ARG A 290 10.03 -22.46 15.24
C ARG A 290 9.28 -23.78 15.28
N ILE A 291 9.10 -24.31 16.48
CA ILE A 291 8.51 -25.65 16.70
C ILE A 291 7.35 -25.49 17.66
N PRO A 292 6.31 -26.32 17.46
CA PRO A 292 5.08 -26.19 18.25
C PRO A 292 5.38 -26.46 19.73
N ARG A 293 4.67 -25.76 20.60
CA ARG A 293 4.78 -25.91 22.07
C ARG A 293 3.74 -26.90 22.56
N THR A 294 4.11 -28.19 22.54
CA THR A 294 3.22 -29.32 22.94
C THR A 294 3.70 -29.97 24.25
N ASN A 295 5.02 -30.13 24.44
CA ASN A 295 5.65 -30.70 25.66
C ASN A 295 4.84 -30.41 26.93
N ASP A 296 4.62 -29.13 27.20
CA ASP A 296 4.20 -28.68 28.54
C ASP A 296 2.74 -28.98 28.79
N LEU A 297 1.98 -29.32 27.74
CA LEU A 297 0.51 -29.49 27.88
C LEU A 297 0.22 -30.88 28.49
N GLN A 298 1.17 -31.80 28.43
CA GLN A 298 1.07 -33.19 28.97
C GLN A 298 -0.02 -33.89 28.16
N LEU A 299 0.21 -34.00 26.86
CA LEU A 299 -0.78 -34.52 25.88
C LEU A 299 -0.86 -36.04 26.01
N GLY A 300 0.19 -36.68 26.54
CA GLY A 300 0.23 -38.11 26.89
C GLY A 300 -0.94 -38.52 27.77
N ASN A 301 -1.25 -37.72 28.78
CA ASN A 301 -2.39 -37.93 29.73
C ASN A 301 -3.66 -38.35 28.99
N VAL A 302 -4.09 -37.59 27.97
CA VAL A 302 -5.39 -37.80 27.29
C VAL A 302 -5.20 -38.42 25.89
N GLY A 303 -3.95 -38.58 25.44
CA GLY A 303 -3.63 -39.17 24.12
C GLY A 303 -4.14 -38.29 22.99
N VAL A 304 -3.69 -37.04 22.92
CA VAL A 304 -3.84 -36.19 21.69
C VAL A 304 -2.74 -36.60 20.71
N LYS A 305 -3.09 -36.92 19.46
CA LYS A 305 -2.12 -37.39 18.45
C LYS A 305 -1.35 -36.17 17.92
N LEU A 306 -0.01 -36.27 17.92
CA LEU A 306 0.94 -35.32 17.28
C LEU A 306 1.33 -35.88 15.93
N THR A 307 1.92 -35.05 15.06
CA THR A 307 2.28 -35.39 13.66
C THR A 307 3.69 -35.93 13.60
N PRO A 308 4.08 -36.59 12.49
CA PRO A 308 5.45 -37.02 12.28
C PRO A 308 6.47 -35.88 12.48
N LYS A 309 5.99 -34.63 12.56
CA LYS A 309 6.81 -33.41 12.77
C LYS A 309 6.69 -32.87 14.19
N GLY A 310 5.59 -33.09 14.92
CA GLY A 310 5.44 -32.66 16.33
C GLY A 310 4.26 -31.73 16.58
N GLY A 311 3.56 -31.27 15.54
CA GLY A 311 2.35 -30.42 15.68
C GLY A 311 1.15 -31.26 16.05
N VAL A 312 0.23 -30.70 16.83
CA VAL A 312 -1.08 -31.35 17.11
C VAL A 312 -1.75 -31.63 15.76
N GLN A 313 -2.04 -32.90 15.48
CA GLN A 313 -2.80 -33.32 14.28
C GLN A 313 -4.22 -32.79 14.43
N VAL A 314 -4.77 -32.21 13.37
CA VAL A 314 -6.14 -31.63 13.39
C VAL A 314 -6.80 -31.99 12.07
N ASP A 315 -8.11 -32.07 12.06
CA ASP A 315 -8.92 -32.12 10.82
C ASP A 315 -9.14 -30.67 10.38
N GLU A 316 -9.87 -30.48 9.28
CA GLU A 316 -10.15 -29.15 8.69
C GLU A 316 -10.92 -28.26 9.67
N PHE A 317 -11.56 -28.83 10.72
CA PHE A 317 -12.35 -28.11 11.75
C PHE A 317 -11.55 -27.94 13.05
N SER A 318 -10.24 -28.15 12.99
CA SER A 318 -9.28 -27.88 14.10
C SER A 318 -9.56 -28.90 15.21
N ARG A 319 -10.17 -30.05 14.89
CA ARG A 319 -10.52 -31.10 15.87
C ARG A 319 -9.35 -32.06 15.96
N THR A 320 -8.90 -32.31 17.19
CA THR A 320 -7.95 -33.39 17.55
C THR A 320 -8.69 -34.72 17.44
N ASN A 321 -7.97 -35.83 17.60
CA ASN A 321 -8.58 -37.19 17.79
C ASN A 321 -9.45 -37.24 19.04
N VAL A 322 -9.33 -36.32 20.02
CA VAL A 322 -10.12 -36.34 21.29
C VAL A 322 -11.29 -35.39 21.16
N PRO A 323 -12.55 -35.89 21.22
CA PRO A 323 -13.73 -35.02 21.22
C PRO A 323 -13.64 -33.87 22.24
N ASN A 324 -14.21 -32.71 21.95
CA ASN A 324 -14.22 -31.51 22.85
C ASN A 324 -12.85 -30.82 22.93
N ILE A 325 -11.77 -31.43 22.40
CA ILE A 325 -10.38 -30.86 22.38
C ILE A 325 -10.01 -30.44 20.95
N TYR A 326 -9.71 -29.16 20.75
CA TYR A 326 -9.33 -28.55 19.45
C TYR A 326 -7.92 -27.95 19.55
N ALA A 327 -7.30 -27.64 18.41
CA ALA A 327 -5.98 -26.99 18.30
C ALA A 327 -5.97 -26.04 17.09
N ILE A 328 -5.61 -24.77 17.34
CA ILE A 328 -5.40 -23.76 16.25
C ILE A 328 -3.99 -23.18 16.32
N GLY A 329 -3.60 -22.49 15.24
CA GLY A 329 -2.39 -21.66 15.20
C GLY A 329 -1.13 -22.49 15.16
N ASP A 330 -0.01 -21.93 15.62
CA ASP A 330 1.32 -22.50 15.37
C ASP A 330 1.45 -23.89 16.03
N ILE A 331 0.67 -24.24 17.08
CA ILE A 331 0.80 -25.60 17.68
C ILE A 331 0.47 -26.65 16.61
N THR A 332 -0.29 -26.30 15.57
CA THR A 332 -0.65 -27.24 14.49
C THR A 332 0.49 -27.35 13.44
N ASP A 333 1.51 -26.50 13.52
CA ASP A 333 2.75 -26.59 12.70
C ASP A 333 2.42 -26.59 11.21
N ARG A 334 1.59 -25.65 10.76
CA ARG A 334 1.25 -25.47 9.33
C ARG A 334 1.81 -24.09 8.89
N LEU A 335 0.92 -23.14 8.56
N LEU A 335 0.93 -23.13 8.60
CA LEU A 335 1.27 -21.72 8.31
CA LEU A 335 1.33 -21.74 8.27
C LEU A 335 1.37 -21.03 9.66
C LEU A 335 1.36 -20.94 9.58
N MET A 336 2.56 -20.59 10.05
CA MET A 336 2.75 -19.91 11.35
C MET A 336 2.55 -18.40 11.13
N LEU A 337 1.30 -17.99 11.06
CA LEU A 337 0.88 -16.58 10.85
C LEU A 337 -0.27 -16.24 11.80
N THR A 338 -0.25 -15.03 12.32
CA THR A 338 -1.24 -14.54 13.29
C THR A 338 -2.64 -14.61 12.65
N PRO A 339 -2.87 -14.03 11.45
CA PRO A 339 -4.22 -13.98 10.88
C PRO A 339 -4.79 -15.37 10.57
N VAL A 340 -3.93 -16.36 10.31
CA VAL A 340 -4.37 -17.76 10.14
C VAL A 340 -4.84 -18.27 11.51
N ALA A 341 -4.05 -18.10 12.58
CA ALA A 341 -4.46 -18.49 13.95
C ALA A 341 -5.82 -17.86 14.22
N ILE A 342 -5.96 -16.57 13.94
CA ILE A 342 -7.20 -15.82 14.29
C ILE A 342 -8.36 -16.41 13.47
N ASN A 343 -8.15 -16.60 12.16
CA ASN A 343 -9.17 -17.19 11.26
C ASN A 343 -9.63 -18.54 11.83
N GLU A 344 -8.69 -19.38 12.25
CA GLU A 344 -8.98 -20.75 12.76
C GLU A 344 -9.83 -20.69 14.03
N GLY A 345 -9.44 -19.83 14.97
CA GLY A 345 -10.19 -19.62 16.22
C GLY A 345 -11.60 -19.13 15.97
N ALA A 346 -11.78 -18.12 15.11
CA ALA A 346 -13.07 -17.54 14.68
C ALA A 346 -13.94 -18.63 14.03
N ALA A 347 -13.35 -19.51 13.22
CA ALA A 347 -14.08 -20.59 12.52
C ALA A 347 -14.51 -21.65 13.54
N LEU A 348 -13.59 -22.08 14.40
CA LEU A 348 -13.83 -23.11 15.45
C LEU A 348 -15.03 -22.72 16.32
N VAL A 349 -15.12 -21.45 16.67
CA VAL A 349 -16.15 -20.88 17.60
C VAL A 349 -17.46 -20.66 16.84
N ASP A 350 -17.42 -20.10 15.64
CA ASP A 350 -18.62 -19.89 14.78
C ASP A 350 -19.21 -21.28 14.52
N THR A 351 -18.35 -22.30 14.40
CA THR A 351 -18.75 -23.72 14.17
C THR A 351 -19.46 -24.21 15.42
N VAL A 352 -18.69 -24.41 16.49
CA VAL A 352 -19.07 -25.18 17.71
C VAL A 352 -20.20 -24.47 18.48
N PHE A 353 -20.16 -23.14 18.58
CA PHE A 353 -21.07 -22.36 19.46
C PHE A 353 -22.07 -21.60 18.60
N GLY A 354 -21.68 -21.27 17.37
CA GLY A 354 -22.61 -20.65 16.43
C GLY A 354 -23.48 -21.66 15.72
N ASN A 355 -23.10 -22.94 15.73
CA ASN A 355 -23.82 -23.98 14.95
C ASN A 355 -23.74 -23.61 13.48
N LYS A 356 -22.63 -23.02 13.04
CA LYS A 356 -22.47 -22.45 11.69
C LYS A 356 -21.11 -22.93 11.19
N PRO A 357 -20.95 -24.25 10.90
CA PRO A 357 -19.62 -24.82 10.66
C PRO A 357 -18.95 -24.07 9.49
N ARG A 358 -17.72 -23.68 9.73
CA ARG A 358 -16.85 -22.94 8.78
C ARG A 358 -15.44 -23.49 8.99
N LYS A 359 -14.70 -23.69 7.91
CA LYS A 359 -13.32 -24.21 7.95
C LYS A 359 -12.39 -23.15 7.37
N THR A 360 -11.25 -22.96 8.01
CA THR A 360 -10.21 -22.02 7.53
C THR A 360 -9.74 -22.53 6.16
N ASP A 361 -9.65 -21.63 5.18
CA ASP A 361 -9.01 -21.89 3.87
C ASP A 361 -7.52 -21.56 4.00
N HIS A 362 -6.66 -22.56 3.89
CA HIS A 362 -5.20 -22.38 4.03
C HIS A 362 -4.59 -22.09 2.66
N THR A 363 -5.38 -21.98 1.60
CA THR A 363 -4.90 -21.58 0.24
C THR A 363 -5.10 -20.08 0.08
N ARG A 364 -4.29 -19.43 -0.76
CA ARG A 364 -4.55 -18.05 -1.22
C ARG A 364 -4.50 -17.14 -0.01
N VAL A 365 -3.55 -17.41 0.88
CA VAL A 365 -3.32 -16.59 2.09
C VAL A 365 -2.33 -15.47 1.76
N ALA A 366 -2.76 -14.23 1.93
CA ALA A 366 -1.86 -13.07 1.74
C ALA A 366 -0.87 -13.06 2.91
N SER A 367 0.41 -12.82 2.66
CA SER A 367 1.40 -12.71 3.75
C SER A 367 2.49 -11.75 3.29
N ALA A 368 3.41 -11.44 4.18
CA ALA A 368 4.43 -10.42 3.88
C ALA A 368 5.73 -10.81 4.56
N VAL A 369 6.80 -10.23 4.06
CA VAL A 369 8.11 -10.19 4.71
C VAL A 369 8.48 -8.71 4.80
N PHE A 370 8.67 -8.20 6.01
CA PHE A 370 9.09 -6.81 6.26
C PHE A 370 10.60 -6.74 6.16
N SER A 371 11.09 -7.28 5.04
CA SER A 371 12.42 -6.98 4.48
C SER A 371 12.42 -5.52 4.04
N ILE A 372 13.59 -4.96 3.83
CA ILE A 372 13.71 -3.63 3.18
C ILE A 372 14.40 -3.85 1.83
N PRO A 373 13.66 -3.64 0.70
CA PRO A 373 12.22 -3.38 0.70
C PRO A 373 11.42 -4.67 0.91
N PRO A 374 10.10 -4.56 1.21
CA PRO A 374 9.30 -5.71 1.63
C PRO A 374 8.62 -6.53 0.52
N ILE A 375 8.24 -7.73 0.90
CA ILE A 375 7.55 -8.73 0.05
C ILE A 375 6.09 -8.76 0.47
N GLY A 376 5.21 -8.80 -0.52
CA GLY A 376 3.79 -9.11 -0.35
C GLY A 376 3.46 -10.20 -1.31
N THR A 377 2.83 -11.28 -0.85
CA THR A 377 2.54 -12.46 -1.69
C THR A 377 1.21 -13.08 -1.31
N CYS A 378 0.52 -13.65 -2.30
CA CYS A 378 -0.73 -14.42 -2.06
C CYS A 378 -0.77 -15.55 -3.09
N GLY A 379 -0.95 -16.79 -2.64
CA GLY A 379 -1.17 -17.94 -3.52
C GLY A 379 0.12 -18.55 -3.99
N LEU A 380 0.08 -19.24 -5.14
CA LEU A 380 1.13 -20.22 -5.51
C LEU A 380 2.28 -19.52 -6.22
N ILE A 381 3.49 -19.94 -5.90
CA ILE A 381 4.70 -19.64 -6.73
C ILE A 381 4.59 -20.51 -8.00
N GLU A 382 5.16 -20.04 -9.10
CA GLU A 382 5.01 -20.70 -10.42
C GLU A 382 5.49 -22.16 -10.38
N GLU A 383 6.55 -22.49 -9.63
CA GLU A 383 7.10 -23.88 -9.60
C GLU A 383 6.02 -24.85 -9.09
N VAL A 384 5.27 -24.40 -8.09
CA VAL A 384 4.17 -25.21 -7.48
C VAL A 384 3.00 -25.25 -8.47
N ALA A 385 2.60 -24.12 -9.06
CA ALA A 385 1.53 -24.03 -10.07
C ALA A 385 1.81 -25.03 -11.22
N ALA A 386 3.06 -25.06 -11.69
CA ALA A 386 3.53 -25.81 -12.88
C ALA A 386 3.32 -27.32 -12.68
N LYS A 387 3.37 -27.82 -11.43
CA LYS A 387 3.23 -29.26 -11.10
C LYS A 387 1.75 -29.63 -11.00
N GLU A 388 0.82 -28.67 -10.90
CA GLU A 388 -0.63 -28.93 -10.71
C GLU A 388 -1.43 -28.64 -11.99
N PHE A 389 -1.02 -27.66 -12.77
CA PHE A 389 -1.78 -27.16 -13.94
C PHE A 389 -0.94 -27.48 -15.19
N GLU A 390 -1.60 -27.91 -16.26
N GLU A 390 -1.61 -27.88 -16.26
CA GLU A 390 -0.96 -28.26 -17.56
CA GLU A 390 -0.99 -28.28 -17.56
C GLU A 390 -0.27 -27.01 -18.13
C GLU A 390 -0.30 -27.04 -18.19
N LYS A 391 -0.98 -25.89 -18.16
CA LYS A 391 -0.46 -24.61 -18.72
C LYS A 391 -0.60 -23.47 -17.69
N VAL A 392 0.56 -22.97 -17.26
CA VAL A 392 0.73 -21.82 -16.33
C VAL A 392 1.32 -20.67 -17.14
N ALA A 393 0.75 -19.47 -17.01
CA ALA A 393 1.32 -18.23 -17.56
C ALA A 393 1.93 -17.43 -16.41
N VAL A 394 3.06 -16.80 -16.69
CA VAL A 394 3.68 -15.84 -15.74
C VAL A 394 3.77 -14.47 -16.42
N TYR A 395 3.14 -13.49 -15.78
CA TYR A 395 3.17 -12.07 -16.13
C TYR A 395 4.14 -11.44 -15.15
N MET A 396 5.12 -10.68 -15.65
CA MET A 396 6.16 -10.10 -14.78
C MET A 396 6.44 -8.67 -15.23
N SER A 397 6.45 -7.74 -14.28
CA SER A 397 6.95 -6.37 -14.47
C SER A 397 7.96 -6.12 -13.35
N SER A 398 9.12 -5.57 -13.72
CA SER A 398 10.27 -5.41 -12.82
C SER A 398 11.05 -4.20 -13.32
N PHE A 399 11.22 -3.20 -12.47
CA PHE A 399 11.86 -1.92 -12.82
C PHE A 399 12.12 -1.19 -11.50
N THR A 400 13.17 -0.36 -11.46
CA THR A 400 13.38 0.62 -10.37
C THR A 400 12.35 1.73 -10.55
N PRO A 401 11.41 1.95 -9.60
CA PRO A 401 10.43 3.01 -9.71
C PRO A 401 11.19 4.33 -9.79
N LEU A 402 10.58 5.31 -10.45
CA LEU A 402 11.14 6.66 -10.72
C LEU A 402 11.62 7.27 -9.39
N MET A 403 10.78 7.28 -8.36
CA MET A 403 11.18 7.95 -7.09
C MET A 403 12.55 7.40 -6.66
N HIS A 404 12.88 6.12 -6.93
CA HIS A 404 14.15 5.50 -6.43
C HIS A 404 15.34 5.77 -7.35
N ASN A 405 15.08 6.14 -8.60
CA ASN A 405 16.13 6.76 -9.46
C ASN A 405 16.50 8.11 -8.86
N ILE A 406 15.52 8.94 -8.46
CA ILE A 406 15.80 10.24 -7.78
C ILE A 406 16.39 10.02 -6.39
N SER A 407 15.88 9.06 -5.62
CA SER A 407 16.33 8.79 -4.22
C SER A 407 17.80 8.41 -4.17
N GLY A 408 18.31 7.76 -5.24
CA GLY A 408 19.68 7.21 -5.33
C GLY A 408 19.72 5.74 -4.95
N SER A 409 18.58 5.12 -4.60
CA SER A 409 18.49 3.65 -4.31
C SER A 409 18.10 2.93 -5.60
N LYS A 410 18.94 3.01 -6.63
CA LYS A 410 18.65 2.46 -7.98
C LYS A 410 18.42 0.95 -7.88
N TYR A 411 19.01 0.29 -6.88
CA TYR A 411 18.94 -1.16 -6.65
C TYR A 411 17.53 -1.60 -6.19
N LYS A 412 16.64 -0.68 -5.81
CA LYS A 412 15.26 -1.02 -5.34
C LYS A 412 14.36 -1.28 -6.56
N LYS A 413 14.61 -2.39 -7.24
CA LYS A 413 13.73 -2.87 -8.34
C LYS A 413 12.40 -3.32 -7.72
N PHE A 414 11.28 -2.82 -8.22
CA PHE A 414 9.93 -3.30 -7.89
C PHE A 414 9.63 -4.51 -8.78
N VAL A 415 9.20 -5.62 -8.18
CA VAL A 415 8.83 -6.87 -8.90
C VAL A 415 7.34 -7.13 -8.67
N ALA A 416 6.55 -7.21 -9.74
CA ALA A 416 5.15 -7.68 -9.72
C ALA A 416 5.03 -8.90 -10.62
N LYS A 417 4.63 -10.04 -10.07
CA LYS A 417 4.42 -11.30 -10.84
C LYS A 417 3.03 -11.83 -10.54
N ILE A 418 2.30 -12.09 -11.62
CA ILE A 418 1.00 -12.82 -11.58
C ILE A 418 1.22 -14.15 -12.25
N VAL A 419 0.84 -15.21 -11.53
CA VAL A 419 0.90 -16.63 -11.98
C VAL A 419 -0.53 -17.09 -12.22
N THR A 420 -0.84 -17.53 -13.44
CA THR A 420 -2.23 -17.95 -13.79
C THR A 420 -2.27 -19.40 -14.26
N ASN A 421 -3.45 -19.97 -14.15
CA ASN A 421 -3.87 -21.15 -14.93
C ASN A 421 -4.17 -20.63 -16.33
N HIS A 422 -3.29 -20.90 -17.29
CA HIS A 422 -3.43 -20.29 -18.63
C HIS A 422 -4.66 -20.87 -19.36
N SER A 423 -5.17 -22.04 -18.95
CA SER A 423 -6.40 -22.64 -19.56
C SER A 423 -7.62 -21.72 -19.37
N ASP A 424 -7.77 -21.04 -18.23
CA ASP A 424 -8.98 -20.21 -18.00
C ASP A 424 -8.65 -18.81 -17.49
N GLY A 425 -7.36 -18.46 -17.30
CA GLY A 425 -6.94 -17.12 -16.88
C GLY A 425 -6.98 -16.92 -15.37
N THR A 426 -7.38 -17.94 -14.59
CA THR A 426 -7.56 -17.84 -13.13
C THR A 426 -6.22 -17.48 -12.48
N VAL A 427 -6.24 -16.50 -11.59
CA VAL A 427 -5.00 -16.07 -10.89
C VAL A 427 -4.74 -17.06 -9.76
N LEU A 428 -3.57 -17.68 -9.81
CA LEU A 428 -3.14 -18.72 -8.87
C LEU A 428 -2.27 -18.08 -7.80
N GLY A 429 -1.54 -17.02 -8.17
CA GLY A 429 -0.61 -16.36 -7.23
C GLY A 429 -0.18 -15.00 -7.73
N VAL A 430 0.08 -14.11 -6.79
CA VAL A 430 0.59 -12.72 -7.00
C VAL A 430 1.75 -12.55 -6.05
N HIS A 431 2.86 -11.99 -6.54
CA HIS A 431 4.16 -11.92 -5.83
C HIS A 431 4.72 -10.53 -6.08
N LEU A 432 4.90 -9.74 -5.02
CA LEU A 432 5.34 -8.33 -5.09
C LEU A 432 6.61 -8.16 -4.29
N LEU A 433 7.56 -7.39 -4.81
CA LEU A 433 8.68 -6.91 -3.99
C LEU A 433 8.79 -5.41 -4.23
N GLY A 434 8.77 -4.64 -3.15
CA GLY A 434 8.99 -3.19 -3.18
C GLY A 434 8.14 -2.48 -2.16
N ASP A 435 8.45 -1.21 -1.97
CA ASP A 435 7.77 -0.31 -1.00
C ASP A 435 6.27 -0.51 -1.20
N GLY A 436 5.56 -0.82 -0.11
CA GLY A 436 4.10 -0.88 -0.10
C GLY A 436 3.54 -2.25 -0.47
N ALA A 437 4.39 -3.23 -0.84
CA ALA A 437 3.97 -4.59 -1.25
C ALA A 437 3.03 -5.22 -0.22
N PRO A 438 3.27 -5.16 1.10
CA PRO A 438 2.36 -5.79 2.07
C PRO A 438 0.96 -5.14 2.08
N GLU A 439 0.91 -3.86 1.80
CA GLU A 439 -0.35 -3.08 1.77
C GLU A 439 -1.07 -3.40 0.47
N ILE A 440 -0.33 -3.50 -0.63
CA ILE A 440 -0.89 -3.76 -1.98
C ILE A 440 -1.55 -5.14 -1.98
N ILE A 441 -0.95 -6.12 -1.31
CA ILE A 441 -1.35 -7.53 -1.50
C ILE A 441 -2.66 -7.84 -0.77
N GLN A 442 -3.07 -7.10 0.25
CA GLN A 442 -4.21 -7.52 1.07
C GLN A 442 -5.46 -7.72 0.19
N ALA A 443 -5.83 -6.73 -0.60
CA ALA A 443 -7.06 -6.78 -1.42
C ALA A 443 -6.88 -7.78 -2.58
N VAL A 444 -5.64 -8.09 -2.94
CA VAL A 444 -5.35 -9.20 -3.85
C VAL A 444 -5.83 -10.51 -3.21
N GLY A 445 -5.67 -10.70 -1.90
CA GLY A 445 -6.21 -11.90 -1.24
C GLY A 445 -7.71 -11.99 -1.46
N VAL A 446 -8.39 -10.87 -1.43
CA VAL A 446 -9.87 -10.88 -1.66
C VAL A 446 -10.12 -11.27 -3.13
N CYS A 447 -9.36 -10.72 -4.06
CA CYS A 447 -9.45 -11.05 -5.51
C CYS A 447 -9.34 -12.55 -5.72
N LEU A 448 -8.39 -13.19 -5.05
CA LEU A 448 -8.13 -14.62 -5.27
C LEU A 448 -9.29 -15.47 -4.69
N ARG A 449 -9.80 -15.08 -3.52
N ARG A 449 -9.81 -15.07 -3.53
CA ARG A 449 -11.01 -15.72 -2.93
CA ARG A 449 -11.00 -15.69 -2.91
C ARG A 449 -12.12 -15.69 -3.97
C ARG A 449 -12.17 -15.65 -3.91
N LEU A 450 -12.25 -14.58 -4.72
CA LEU A 450 -13.30 -14.42 -5.77
C LEU A 450 -12.91 -15.02 -7.11
N ASN A 451 -11.82 -15.77 -7.19
CA ASN A 451 -11.42 -16.51 -8.43
C ASN A 451 -11.17 -15.50 -9.54
N ALA A 452 -10.56 -14.38 -9.20
CA ALA A 452 -10.19 -13.34 -10.17
C ALA A 452 -9.35 -13.97 -11.28
N LYS A 453 -9.58 -13.56 -12.52
CA LYS A 453 -8.70 -13.90 -13.67
C LYS A 453 -7.79 -12.72 -13.96
N ILE A 454 -6.73 -12.94 -14.75
CA ILE A 454 -5.81 -11.90 -15.25
C ILE A 454 -6.63 -10.79 -15.93
N SER A 455 -7.71 -11.12 -16.63
CA SER A 455 -8.54 -10.13 -17.35
C SER A 455 -9.33 -9.26 -16.35
N ASP A 456 -9.67 -9.77 -15.17
CA ASP A 456 -10.28 -8.94 -14.11
C ASP A 456 -9.29 -7.86 -13.66
N PHE A 457 -8.00 -8.20 -13.54
CA PHE A 457 -6.92 -7.24 -13.20
C PHE A 457 -6.73 -6.25 -14.35
N TYR A 458 -6.50 -6.72 -15.57
CA TYR A 458 -6.07 -5.78 -16.63
C TYR A 458 -7.25 -4.93 -17.08
N ASN A 459 -8.49 -5.37 -16.92
CA ASN A 459 -9.68 -4.55 -17.27
C ASN A 459 -10.05 -3.60 -16.13
N THR A 460 -9.43 -3.70 -14.96
CA THR A 460 -9.68 -2.70 -13.89
C THR A 460 -8.82 -1.47 -14.18
N ILE A 461 -9.37 -0.30 -13.97
CA ILE A 461 -8.65 0.97 -14.24
C ILE A 461 -7.61 1.22 -13.15
N GLY A 462 -6.40 1.57 -13.57
CA GLY A 462 -5.28 1.89 -12.68
C GLY A 462 -5.54 3.11 -11.82
N VAL A 463 -4.99 3.09 -10.60
CA VAL A 463 -4.74 4.26 -9.74
C VAL A 463 -3.33 4.78 -10.04
N HIS A 464 -3.23 6.03 -10.47
CA HIS A 464 -1.96 6.58 -11.02
C HIS A 464 -1.58 7.84 -10.28
N PRO A 465 -0.29 8.04 -9.90
CA PRO A 465 0.75 7.02 -10.01
C PRO A 465 0.91 6.18 -8.73
N THR A 466 0.94 4.87 -8.90
CA THR A 466 1.17 3.90 -7.80
C THR A 466 2.06 2.79 -8.33
N SER A 467 2.66 1.98 -7.45
CA SER A 467 3.26 0.68 -7.83
C SER A 467 2.14 -0.34 -8.13
N ALA A 468 1.05 -0.29 -7.36
CA ALA A 468 -0.09 -1.22 -7.41
C ALA A 468 -0.66 -1.28 -8.83
N GLU A 469 -0.69 -0.16 -9.55
CA GLU A 469 -1.36 -0.11 -10.87
C GLU A 469 -0.64 -1.04 -11.84
N GLU A 470 0.59 -1.43 -11.55
CA GLU A 470 1.33 -2.37 -12.44
C GLU A 470 0.53 -3.68 -12.56
N LEU A 471 -0.16 -4.08 -11.50
CA LEU A 471 -0.99 -5.33 -11.47
C LEU A 471 -2.14 -5.26 -12.47
N CYS A 472 -2.56 -4.05 -12.84
CA CYS A 472 -3.70 -3.81 -13.78
C CYS A 472 -3.19 -3.47 -15.18
N SER A 473 -1.89 -3.68 -15.45
CA SER A 473 -1.22 -3.24 -16.70
C SER A 473 -0.63 -4.41 -17.49
N MET A 474 -0.81 -5.64 -17.02
CA MET A 474 -0.15 -6.83 -17.60
C MET A 474 -1.19 -7.69 -18.32
N ARG A 475 -1.06 -7.71 -19.67
CA ARG A 475 -2.02 -8.31 -20.62
C ARG A 475 -1.44 -9.57 -21.27
N THR A 476 -0.11 -9.63 -21.34
CA THR A 476 0.66 -10.61 -22.15
C THR A 476 1.63 -11.36 -21.26
N PRO A 477 1.55 -12.71 -21.20
CA PRO A 477 2.52 -13.52 -20.45
C PRO A 477 3.98 -13.19 -20.81
N SER A 478 4.88 -13.22 -19.82
CA SER A 478 6.34 -13.08 -20.03
C SER A 478 6.87 -14.44 -20.45
N TYR A 479 6.24 -15.50 -19.95
CA TYR A 479 6.65 -16.90 -20.26
C TYR A 479 5.62 -17.83 -19.64
N TYR A 480 5.77 -19.14 -19.87
CA TYR A 480 4.77 -20.18 -19.55
C TYR A 480 5.50 -21.37 -18.92
N TYR A 481 4.74 -22.22 -18.24
CA TYR A 481 5.09 -23.63 -17.94
C TYR A 481 4.05 -24.50 -18.67
N VAL A 482 4.51 -25.42 -19.52
CA VAL A 482 3.63 -26.39 -20.23
C VAL A 482 4.03 -27.79 -19.75
N LYS A 483 3.12 -28.50 -19.08
CA LYS A 483 3.41 -29.76 -18.35
C LYS A 483 4.75 -29.68 -17.62
N GLY A 484 4.98 -28.64 -16.81
CA GLY A 484 6.17 -28.48 -15.96
C GLY A 484 7.32 -27.77 -16.66
N GLU A 485 7.31 -27.67 -17.98
CA GLU A 485 8.46 -27.21 -18.78
C GLU A 485 8.35 -25.70 -18.98
N LYS A 486 9.35 -24.95 -18.54
CA LYS A 486 9.39 -23.48 -18.79
C LYS A 486 9.71 -23.23 -20.27
N MET A 487 9.05 -22.24 -20.88
CA MET A 487 9.26 -21.84 -22.30
C MET A 487 8.66 -20.45 -22.54
N GLU A 488 9.29 -19.67 -23.41
CA GLU A 488 8.91 -18.27 -23.71
C GLU A 488 7.54 -18.25 -24.40
N LYS A 489 7.26 -19.23 -25.25
CA LYS A 489 6.08 -19.21 -26.15
C LYS A 489 5.35 -20.54 -26.01
N LEU A 490 4.03 -20.50 -26.12
CA LEU A 490 3.19 -21.72 -26.17
C LEU A 490 3.50 -22.43 -27.49
N PRO A 491 3.47 -23.79 -27.52
CA PRO A 491 3.33 -24.54 -28.77
C PRO A 491 1.94 -24.37 -29.41
N LYS B 6 -0.93 15.59 -46.16
CA LYS B 6 -0.67 14.12 -45.96
C LYS B 6 -1.95 13.46 -45.45
N ALA B 7 -2.16 12.17 -45.77
CA ALA B 7 -3.40 11.42 -45.49
C ALA B 7 -3.16 10.39 -44.37
N PHE B 8 -4.03 10.32 -43.38
CA PHE B 8 -3.92 9.41 -42.21
C PHE B 8 -5.25 8.70 -42.00
N ASP B 9 -5.19 7.46 -41.52
CA ASP B 9 -6.37 6.71 -41.03
C ASP B 9 -6.94 7.46 -39.82
N LEU B 10 -6.03 7.96 -38.95
CA LEU B 10 -6.43 8.63 -37.68
C LEU B 10 -5.53 9.84 -37.45
N VAL B 11 -6.14 10.95 -37.07
CA VAL B 11 -5.37 12.12 -36.57
C VAL B 11 -5.81 12.43 -35.14
N VAL B 12 -4.82 12.47 -34.25
CA VAL B 12 -5.04 12.71 -32.81
C VAL B 12 -4.56 14.11 -32.49
N ILE B 13 -5.47 14.97 -32.03
CA ILE B 13 -5.08 16.31 -31.52
C ILE B 13 -4.92 16.20 -30.01
N GLY B 14 -3.66 16.31 -29.57
CA GLY B 14 -3.21 16.23 -28.17
C GLY B 14 -2.43 14.94 -27.94
N ALA B 15 -1.13 15.04 -27.72
CA ALA B 15 -0.23 13.89 -27.49
C ALA B 15 -0.17 13.61 -25.98
N GLY B 16 -1.34 13.31 -25.41
CA GLY B 16 -1.49 13.15 -23.97
C GLY B 16 -1.90 11.76 -23.56
N SER B 17 -2.34 11.63 -22.31
CA SER B 17 -2.62 10.30 -21.72
C SER B 17 -3.50 9.53 -22.71
N GLY B 18 -4.65 10.10 -23.12
CA GLY B 18 -5.61 9.37 -23.94
C GLY B 18 -5.19 9.33 -25.40
N GLY B 19 -4.73 10.47 -25.92
CA GLY B 19 -4.26 10.61 -27.31
C GLY B 19 -3.15 9.64 -27.64
N LEU B 20 -2.17 9.48 -26.76
CA LEU B 20 -1.04 8.57 -27.06
C LEU B 20 -1.52 7.10 -26.94
N GLU B 21 -2.36 6.77 -25.97
CA GLU B 21 -2.92 5.39 -25.89
C GLU B 21 -3.60 5.07 -27.23
N ALA B 22 -4.51 5.93 -27.66
CA ALA B 22 -5.30 5.73 -28.89
C ALA B 22 -4.39 5.59 -30.12
N GLY B 23 -3.46 6.52 -30.30
CA GLY B 23 -2.60 6.59 -31.50
C GLY B 23 -1.67 5.38 -31.59
N TRP B 24 -1.09 4.99 -30.45
CA TRP B 24 -0.15 3.85 -30.36
C TRP B 24 -0.94 2.59 -30.65
N ASN B 25 -2.13 2.45 -30.05
CA ASN B 25 -2.96 1.25 -30.23
C ASN B 25 -3.34 1.14 -31.71
N ALA B 26 -3.86 2.23 -32.29
CA ALA B 26 -4.36 2.23 -33.68
C ALA B 26 -3.19 1.87 -34.60
N ALA B 27 -2.01 2.46 -34.37
CA ALA B 27 -0.80 2.24 -35.19
C ALA B 27 -0.30 0.79 -35.02
N THR B 28 -0.20 0.28 -33.79
CA THR B 28 0.59 -0.94 -33.51
C THR B 28 -0.35 -2.14 -33.48
N LEU B 29 -1.52 -2.03 -32.86
CA LEU B 29 -2.43 -3.20 -32.76
C LEU B 29 -3.22 -3.29 -34.06
N TYR B 30 -3.58 -2.17 -34.68
CA TYR B 30 -4.52 -2.23 -35.84
C TYR B 30 -3.84 -1.79 -37.13
N GLY B 31 -2.53 -1.51 -37.10
CA GLY B 31 -1.73 -1.21 -38.31
C GLY B 31 -2.28 -0.03 -39.10
N LYS B 32 -2.84 0.97 -38.42
CA LYS B 32 -3.34 2.21 -39.07
C LYS B 32 -2.19 3.21 -39.17
N ARG B 33 -2.27 4.11 -40.15
CA ARG B 33 -1.33 5.25 -40.31
C ARG B 33 -1.90 6.39 -39.45
N VAL B 34 -1.11 6.87 -38.49
CA VAL B 34 -1.58 7.72 -37.37
C VAL B 34 -0.74 8.98 -37.29
N ALA B 35 -1.41 10.14 -37.22
CA ALA B 35 -0.78 11.44 -36.93
C ALA B 35 -1.22 11.88 -35.53
N VAL B 36 -0.30 12.41 -34.76
CA VAL B 36 -0.57 12.96 -33.41
C VAL B 36 0.03 14.35 -33.36
N VAL B 37 -0.73 15.33 -32.87
CA VAL B 37 -0.35 16.76 -32.80
C VAL B 37 -0.26 17.22 -31.36
N ASP B 38 0.79 17.95 -31.03
CA ASP B 38 0.93 18.65 -29.73
C ASP B 38 1.77 19.91 -29.94
N VAL B 39 1.69 20.81 -28.96
CA VAL B 39 2.12 22.22 -29.11
C VAL B 39 3.58 22.38 -28.68
N GLN B 40 4.13 21.36 -28.02
CA GLN B 40 5.48 21.42 -27.40
C GLN B 40 6.04 20.00 -27.32
N THR B 41 7.37 19.86 -27.44
CA THR B 41 8.01 18.53 -27.43
C THR B 41 8.51 18.24 -26.02
N SER B 42 8.59 19.24 -25.16
CA SER B 42 8.99 19.00 -23.75
C SER B 42 8.29 19.98 -22.84
N HIS B 43 8.33 19.68 -21.53
CA HIS B 43 7.54 20.33 -20.46
C HIS B 43 7.88 21.80 -20.31
N GLY B 44 6.89 22.55 -19.82
CA GLY B 44 7.10 23.84 -19.16
C GLY B 44 6.68 25.00 -20.05
N PRO B 45 6.94 26.23 -19.57
CA PRO B 45 6.55 27.44 -20.28
C PRO B 45 7.08 27.43 -21.71
N PRO B 46 6.32 28.00 -22.68
CA PRO B 46 5.09 28.73 -22.35
C PRO B 46 3.78 27.93 -22.24
N PHE B 47 3.66 26.73 -22.81
CA PHE B 47 2.37 25.99 -22.93
C PHE B 47 2.21 24.89 -21.85
N TYR B 48 3.24 24.60 -21.06
CA TYR B 48 3.24 23.73 -19.84
C TYR B 48 3.04 22.26 -20.21
N ALA B 49 1.85 21.86 -20.63
CA ALA B 49 1.64 20.52 -21.20
C ALA B 49 2.37 20.45 -22.54
N ALA B 50 2.62 19.23 -22.99
CA ALA B 50 3.55 18.95 -24.10
C ALA B 50 3.38 17.50 -24.44
N LEU B 51 4.19 17.03 -25.37
CA LEU B 51 4.31 15.60 -25.67
C LEU B 51 4.27 14.83 -24.34
N GLY B 52 3.35 13.89 -24.21
CA GLY B 52 3.19 13.09 -22.98
C GLY B 52 1.90 13.46 -22.27
N GLY B 53 1.46 14.71 -22.40
CA GLY B 53 0.21 15.18 -21.79
C GLY B 53 0.40 15.92 -20.50
N THR B 54 -0.72 16.25 -19.87
CA THR B 54 -0.77 17.09 -18.67
C THR B 54 -0.18 16.31 -17.50
N CYS B 55 -0.53 15.04 -17.39
CA CYS B 55 -0.11 14.16 -16.27
C CYS B 55 1.42 14.08 -16.23
N VAL B 56 2.01 13.76 -17.38
CA VAL B 56 3.48 13.63 -17.51
C VAL B 56 4.13 14.95 -17.15
N ASN B 57 3.63 16.04 -17.73
CA ASN B 57 4.40 17.30 -17.82
C ASN B 57 4.09 18.17 -16.60
N VAL B 58 2.81 18.36 -16.27
CA VAL B 58 2.41 19.28 -15.18
C VAL B 58 1.23 18.66 -14.43
N GLY B 59 1.36 17.37 -14.06
CA GLY B 59 0.28 16.69 -13.33
C GLY B 59 0.80 15.54 -12.50
N CYS B 60 0.19 14.35 -12.66
CA CYS B 60 0.38 13.19 -11.74
C CYS B 60 1.89 12.98 -11.50
N VAL B 61 2.67 12.96 -12.57
CA VAL B 61 4.07 12.48 -12.50
C VAL B 61 4.86 13.45 -11.63
N PRO B 62 5.00 14.74 -12.01
CA PRO B 62 5.77 15.66 -11.20
C PRO B 62 5.15 15.89 -9.82
N LYS B 63 3.82 15.94 -9.70
CA LYS B 63 3.23 16.22 -8.38
C LYS B 63 3.58 15.06 -7.44
N LYS B 64 3.56 13.81 -7.93
CA LYS B 64 3.84 12.64 -7.03
C LYS B 64 5.28 12.71 -6.54
N LEU B 65 6.22 13.03 -7.42
CA LEU B 65 7.64 13.24 -7.03
C LEU B 65 7.70 14.32 -5.96
N MET B 66 6.96 15.41 -6.12
CA MET B 66 7.06 16.54 -5.17
C MET B 66 6.37 16.18 -3.86
N VAL B 67 5.27 15.46 -3.88
CA VAL B 67 4.64 15.00 -2.60
C VAL B 67 5.63 14.06 -1.90
N THR B 68 6.26 13.17 -2.65
CA THR B 68 7.25 12.25 -2.08
C THR B 68 8.32 13.10 -1.37
N GLY B 69 8.84 14.11 -2.04
CA GLY B 69 9.75 15.08 -1.42
C GLY B 69 9.18 15.69 -0.15
N ALA B 70 7.93 16.16 -0.18
CA ALA B 70 7.29 16.77 1.00
C ALA B 70 7.19 15.78 2.17
N GLN B 71 6.97 14.50 1.87
CA GLN B 71 6.80 13.46 2.93
C GLN B 71 8.05 13.42 3.82
N TYR B 72 9.23 13.75 3.30
CA TYR B 72 10.47 13.64 4.12
C TYR B 72 10.40 14.59 5.32
N MET B 73 9.62 15.66 5.23
CA MET B 73 9.50 16.56 6.40
C MET B 73 8.97 15.74 7.58
N ASP B 74 7.97 14.89 7.30
CA ASP B 74 7.35 14.04 8.34
C ASP B 74 8.35 12.95 8.73
N HIS B 75 9.00 12.30 7.77
CA HIS B 75 9.90 11.16 8.04
C HIS B 75 11.00 11.66 8.98
N LEU B 76 11.63 12.79 8.63
CA LEU B 76 12.75 13.39 9.41
C LEU B 76 12.26 13.58 10.85
N ARG B 77 11.11 14.21 11.06
CA ARG B 77 10.58 14.46 12.43
C ARG B 77 10.26 13.11 13.10
N GLU B 78 9.59 12.22 12.37
CA GLU B 78 9.03 10.96 12.89
C GLU B 78 10.18 10.01 13.26
N SER B 79 11.33 10.12 12.58
CA SER B 79 12.52 9.26 12.84
C SER B 79 12.89 9.31 14.33
N ALA B 80 12.68 10.45 14.99
CA ALA B 80 13.12 10.63 16.39
C ALA B 80 12.46 9.62 17.31
N GLY B 81 11.18 9.29 17.09
CA GLY B 81 10.44 8.37 17.95
C GLY B 81 11.07 6.98 17.95
N PHE B 82 11.78 6.64 16.86
CA PHE B 82 12.43 5.33 16.62
C PHE B 82 13.93 5.43 16.94
N GLY B 83 14.31 6.54 17.62
CA GLY B 83 15.65 6.76 18.18
C GLY B 83 16.59 7.44 17.22
N TRP B 84 16.12 7.94 16.09
CA TRP B 84 17.08 8.58 15.16
C TRP B 84 17.39 9.97 15.73
N GLU B 85 18.66 10.35 15.62
CA GLU B 85 19.21 11.61 16.18
C GLU B 85 20.03 12.25 15.08
N PHE B 86 19.84 13.56 14.90
CA PHE B 86 20.74 14.36 14.06
C PHE B 86 20.49 15.83 14.41
N ASP B 87 21.27 16.71 13.81
CA ASP B 87 21.21 18.15 14.13
C ASP B 87 20.00 18.74 13.40
N GLY B 88 18.88 18.90 14.10
CA GLY B 88 17.65 19.45 13.53
C GLY B 88 17.89 20.83 12.91
N SER B 89 18.76 21.63 13.51
CA SER B 89 18.98 23.02 13.05
C SER B 89 19.78 23.00 11.75
N SER B 90 20.31 21.84 11.31
CA SER B 90 21.03 21.78 10.01
C SER B 90 20.05 21.44 8.87
N VAL B 91 18.76 21.26 9.16
CA VAL B 91 17.81 20.72 8.15
C VAL B 91 17.36 21.87 7.24
N LYS B 92 17.51 21.68 5.93
CA LYS B 92 17.00 22.59 4.90
C LYS B 92 16.28 21.74 3.87
N ALA B 93 15.13 22.21 3.44
CA ALA B 93 14.35 21.67 2.31
C ALA B 93 14.75 22.46 1.05
N ASN B 94 15.69 21.92 0.29
CA ASN B 94 16.19 22.61 -0.94
C ASN B 94 15.20 22.36 -2.08
N TRP B 95 14.25 23.28 -2.24
CA TRP B 95 13.25 23.31 -3.33
C TRP B 95 13.94 23.33 -4.70
N LYS B 96 15.08 24.00 -4.84
CA LYS B 96 15.74 24.12 -6.18
C LYS B 96 16.12 22.71 -6.63
N LYS B 97 16.72 21.93 -5.73
CA LYS B 97 17.09 20.52 -6.02
C LYS B 97 15.84 19.71 -6.40
N LEU B 98 14.75 19.85 -5.65
CA LEU B 98 13.51 19.12 -5.96
C LEU B 98 13.09 19.43 -7.40
N ILE B 99 13.02 20.73 -7.73
CA ILE B 99 12.52 21.17 -9.05
C ILE B 99 13.45 20.64 -10.14
N ALA B 100 14.76 20.69 -9.91
CA ALA B 100 15.74 20.23 -10.93
C ALA B 100 15.57 18.72 -11.12
N ALA B 101 15.43 17.95 -10.04
CA ALA B 101 15.19 16.50 -10.09
C ALA B 101 13.89 16.22 -10.86
N LYS B 102 12.80 16.90 -10.51
CA LYS B 102 11.51 16.75 -11.21
C LYS B 102 11.67 17.08 -12.71
N ASN B 103 12.33 18.18 -13.05
CA ASN B 103 12.46 18.61 -14.46
C ASN B 103 13.23 17.54 -15.27
N GLU B 104 14.29 16.98 -14.72
CA GLU B 104 15.04 15.91 -15.43
C GLU B 104 14.15 14.69 -15.65
N ALA B 105 13.41 14.26 -14.62
CA ALA B 105 12.49 13.11 -14.71
C ALA B 105 11.47 13.37 -15.83
N VAL B 106 10.83 14.54 -15.81
CA VAL B 106 9.83 14.91 -16.85
C VAL B 106 10.51 14.97 -18.21
N LEU B 107 11.64 15.66 -18.35
CA LEU B 107 12.33 15.73 -19.65
C LEU B 107 12.69 14.32 -20.13
N ASP B 108 13.12 13.40 -19.26
CA ASP B 108 13.44 12.03 -19.73
C ASP B 108 12.21 11.40 -20.37
N ILE B 109 11.04 11.59 -19.78
CA ILE B 109 9.79 11.01 -20.33
C ILE B 109 9.50 11.70 -21.68
N ASN B 110 9.62 13.01 -21.74
CA ASN B 110 9.47 13.78 -23.03
C ASN B 110 10.36 13.11 -24.09
N LYS B 111 11.64 12.96 -23.78
CA LYS B 111 12.62 12.34 -24.70
C LYS B 111 12.17 10.93 -25.10
N SER B 112 11.69 10.12 -24.18
CA SER B 112 11.32 8.71 -24.50
C SER B 112 10.14 8.72 -25.50
N TYR B 113 9.12 9.55 -25.27
CA TYR B 113 7.99 9.73 -26.24
C TYR B 113 8.51 10.18 -27.60
N GLU B 114 9.43 11.14 -27.64
CA GLU B 114 10.11 11.56 -28.90
C GLU B 114 10.66 10.31 -29.61
N GLY B 115 11.37 9.45 -28.87
CA GLY B 115 11.98 8.21 -29.39
C GLY B 115 10.92 7.25 -29.89
N MET B 116 9.83 7.11 -29.13
CA MET B 116 8.64 6.28 -29.51
C MET B 116 8.14 6.67 -30.92
N PHE B 117 7.95 7.96 -31.21
CA PHE B 117 7.50 8.46 -32.53
C PHE B 117 8.58 8.19 -33.59
N ASN B 118 9.84 8.40 -33.22
CA ASN B 118 11.02 8.15 -34.10
C ASN B 118 11.01 6.70 -34.55
N ASP B 119 10.71 5.77 -33.63
CA ASP B 119 10.96 4.31 -33.75
C ASP B 119 9.71 3.56 -34.22
N THR B 120 8.52 4.17 -34.15
CA THR B 120 7.23 3.50 -34.48
C THR B 120 6.77 3.97 -35.86
N GLU B 121 6.88 3.10 -36.85
CA GLU B 121 6.45 3.40 -38.23
C GLU B 121 4.92 3.50 -38.21
N GLY B 122 4.35 4.39 -39.02
CA GLY B 122 2.89 4.60 -39.08
C GLY B 122 2.39 5.42 -37.90
N LEU B 123 3.30 5.96 -37.08
CA LEU B 123 2.95 6.85 -35.95
C LEU B 123 3.83 8.10 -36.06
N ASP B 124 3.23 9.22 -36.47
CA ASP B 124 3.96 10.45 -36.82
C ASP B 124 3.53 11.56 -35.89
N PHE B 125 4.48 12.35 -35.43
CA PHE B 125 4.27 13.51 -34.55
C PHE B 125 4.35 14.77 -35.38
N PHE B 126 3.39 15.67 -35.21
CA PHE B 126 3.46 17.04 -35.78
C PHE B 126 3.40 18.03 -34.63
N LEU B 127 4.36 18.95 -34.63
CA LEU B 127 4.46 20.06 -33.67
C LEU B 127 3.61 21.25 -34.15
N GLY B 128 2.80 21.77 -33.25
CA GLY B 128 2.03 23.00 -33.43
C GLY B 128 0.62 22.86 -32.91
N TRP B 129 -0.26 23.75 -33.36
CA TRP B 129 -1.65 23.89 -32.85
C TRP B 129 -2.64 23.26 -33.83
N GLY B 130 -3.25 22.15 -33.43
CA GLY B 130 -4.25 21.41 -34.22
C GLY B 130 -5.61 22.04 -34.09
N SER B 131 -6.35 22.10 -35.20
CA SER B 131 -7.76 22.59 -35.27
C SER B 131 -8.45 21.88 -36.43
N LEU B 132 -9.79 21.93 -36.45
CA LEU B 132 -10.58 21.30 -37.52
C LEU B 132 -10.83 22.33 -38.62
N GLU B 133 -10.27 22.07 -39.81
CA GLU B 133 -10.56 22.81 -41.06
C GLU B 133 -11.90 22.31 -41.61
N SER B 134 -12.02 21.00 -41.79
CA SER B 134 -13.24 20.28 -42.24
C SER B 134 -13.27 18.91 -41.53
N LYS B 135 -14.30 18.10 -41.76
CA LYS B 135 -14.56 16.88 -40.94
C LYS B 135 -13.55 15.78 -41.27
N ASN B 136 -12.74 15.98 -42.32
CA ASN B 136 -11.67 15.03 -42.73
C ASN B 136 -10.36 15.79 -42.88
N VAL B 137 -10.26 16.98 -42.29
CA VAL B 137 -9.00 17.76 -42.41
C VAL B 137 -8.66 18.42 -41.08
N VAL B 138 -7.52 18.03 -40.50
CA VAL B 138 -6.92 18.75 -39.35
C VAL B 138 -5.85 19.69 -39.88
N VAL B 139 -5.95 20.97 -39.53
CA VAL B 139 -4.91 21.98 -39.85
C VAL B 139 -4.03 22.12 -38.61
N VAL B 140 -2.71 22.04 -38.80
CA VAL B 140 -1.70 22.33 -37.75
C VAL B 140 -1.12 23.70 -38.06
N ARG B 141 -1.17 24.60 -37.09
CA ARG B 141 -0.74 26.01 -37.23
C ARG B 141 0.33 26.37 -36.22
N GLU B 142 0.94 27.53 -36.44
CA GLU B 142 2.11 28.03 -35.70
C GLU B 142 1.73 28.31 -34.26
N THR B 143 0.55 28.89 -34.05
CA THR B 143 0.07 29.38 -32.73
C THR B 143 -1.41 29.00 -32.59
N ALA B 144 -1.98 29.28 -31.43
CA ALA B 144 -3.40 29.06 -31.07
C ALA B 144 -4.29 30.00 -31.90
N ASP B 145 -3.73 31.14 -32.37
CA ASP B 145 -4.44 32.08 -33.28
C ASP B 145 -4.72 31.37 -34.60
N PRO B 146 -6.00 31.28 -35.04
CA PRO B 146 -6.33 30.55 -36.28
C PRO B 146 -5.85 31.24 -37.57
N LYS B 147 -5.33 32.48 -37.47
CA LYS B 147 -4.75 33.23 -38.60
C LYS B 147 -3.23 33.02 -38.67
N SER B 148 -2.63 32.37 -37.66
CA SER B 148 -1.18 32.01 -37.67
C SER B 148 -0.89 31.08 -38.86
N ALA B 149 0.39 30.94 -39.23
CA ALA B 149 0.86 30.21 -40.42
C ALA B 149 0.50 28.71 -40.35
N VAL B 150 0.07 28.14 -41.48
CA VAL B 150 -0.20 26.68 -41.61
C VAL B 150 1.14 25.95 -41.75
N LYS B 151 1.36 24.95 -40.88
CA LYS B 151 2.57 24.10 -40.91
C LYS B 151 2.20 22.82 -41.65
N GLU B 152 1.01 22.30 -41.40
CA GLU B 152 0.55 21.06 -42.03
C GLU B 152 -0.95 21.14 -42.26
N ARG B 153 -1.44 20.36 -43.23
CA ARG B 153 -2.87 20.01 -43.37
C ARG B 153 -2.93 18.48 -43.50
N LEU B 154 -3.59 17.84 -42.53
CA LEU B 154 -3.66 16.38 -42.38
C LEU B 154 -5.07 15.92 -42.74
N GLN B 155 -5.15 15.14 -43.83
CA GLN B 155 -6.39 14.46 -44.25
C GLN B 155 -6.55 13.23 -43.35
N ALA B 156 -7.75 13.05 -42.81
CA ALA B 156 -8.09 12.09 -41.74
C ALA B 156 -9.42 11.42 -42.07
N ASP B 157 -9.41 10.11 -42.27
CA ASP B 157 -10.65 9.28 -42.22
C ASP B 157 -11.30 9.56 -40.86
N HIS B 158 -10.49 9.52 -39.80
CA HIS B 158 -10.97 9.59 -38.40
C HIS B 158 -10.15 10.63 -37.63
N ILE B 159 -10.82 11.44 -36.82
CA ILE B 159 -10.21 12.51 -35.98
C ILE B 159 -10.58 12.29 -34.50
N LEU B 160 -9.56 12.24 -33.64
CA LEU B 160 -9.73 12.12 -32.17
C LEU B 160 -9.33 13.44 -31.53
N LEU B 161 -10.25 14.04 -30.80
CA LEU B 161 -10.04 15.25 -29.97
C LEU B 161 -9.58 14.77 -28.59
N ALA B 162 -8.37 15.12 -28.19
CA ALA B 162 -7.77 14.63 -26.92
C ALA B 162 -6.86 15.75 -26.39
N THR B 163 -7.41 16.97 -26.31
CA THR B 163 -6.63 18.19 -25.96
C THR B 163 -6.64 18.46 -24.46
N GLY B 164 -7.35 17.66 -23.68
CA GLY B 164 -7.33 17.74 -22.21
C GLY B 164 -8.05 18.97 -21.69
N SER B 165 -7.64 19.40 -20.51
CA SER B 165 -8.27 20.51 -19.76
C SER B 165 -7.18 21.52 -19.43
N TRP B 166 -7.58 22.59 -18.77
CA TRP B 166 -6.78 23.81 -18.52
C TRP B 166 -7.28 24.46 -17.23
N PRO B 167 -6.41 25.07 -16.41
CA PRO B 167 -6.84 25.63 -15.15
C PRO B 167 -7.86 26.74 -15.44
N GLN B 168 -8.89 26.81 -14.58
CA GLN B 168 -9.90 27.89 -14.49
C GLN B 168 -9.37 28.99 -13.57
N MET B 169 -9.46 30.25 -14.00
CA MET B 169 -8.98 31.41 -13.20
C MET B 169 -10.20 32.32 -12.99
N PRO B 170 -10.59 32.64 -11.74
CA PRO B 170 -11.78 33.45 -11.52
C PRO B 170 -11.46 34.86 -11.99
N ALA B 171 -12.35 35.45 -12.82
CA ALA B 171 -12.29 36.86 -13.27
C ALA B 171 -12.49 37.77 -12.05
N ILE B 172 -11.44 37.94 -11.24
CA ILE B 172 -11.41 38.86 -10.08
C ILE B 172 -10.34 39.92 -10.34
N PRO B 173 -10.39 41.07 -9.63
CA PRO B 173 -9.31 42.04 -9.66
C PRO B 173 -8.04 41.45 -9.02
N GLY B 174 -6.95 41.52 -9.78
CA GLY B 174 -5.63 40.97 -9.38
C GLY B 174 -5.41 39.58 -9.93
N ILE B 175 -6.33 39.03 -10.72
CA ILE B 175 -6.17 37.66 -11.29
C ILE B 175 -4.74 37.53 -11.85
N GLU B 176 -4.21 38.56 -12.51
CA GLU B 176 -2.85 38.55 -13.14
C GLU B 176 -1.73 38.32 -12.11
N HIS B 177 -1.96 38.57 -10.82
CA HIS B 177 -0.95 38.40 -9.74
C HIS B 177 -1.01 36.99 -9.13
N CYS B 178 -1.92 36.17 -9.63
CA CYS B 178 -2.11 34.77 -9.18
C CYS B 178 -1.57 33.80 -10.24
N ILE B 179 -1.29 32.57 -9.82
CA ILE B 179 -0.80 31.49 -10.73
C ILE B 179 -1.76 30.31 -10.62
N SER B 180 -1.53 29.30 -11.45
CA SER B 180 -2.24 28.00 -11.38
C SER B 180 -1.22 26.92 -11.01
N SER B 181 -1.63 25.66 -11.05
CA SER B 181 -0.70 24.54 -10.80
C SER B 181 0.43 24.59 -11.84
N ASN B 182 0.13 25.01 -13.08
CA ASN B 182 1.10 25.04 -14.18
C ASN B 182 2.36 25.80 -13.72
N GLU B 183 2.20 26.99 -13.14
CA GLU B 183 3.36 27.87 -12.77
C GLU B 183 3.97 27.35 -11.46
N ALA B 184 3.16 26.76 -10.58
CA ALA B 184 3.62 26.20 -9.28
C ALA B 184 4.80 25.24 -9.53
N PHE B 185 4.72 24.48 -10.61
CA PHE B 185 5.73 23.46 -10.98
C PHE B 185 7.05 24.12 -11.36
N TYR B 186 7.10 25.44 -11.56
CA TYR B 186 8.30 26.15 -12.06
C TYR B 186 8.71 27.33 -11.16
N LEU B 187 8.08 27.50 -10.00
CA LEU B 187 8.52 28.50 -9.01
C LEU B 187 10.00 28.27 -8.76
N PRO B 188 10.86 29.32 -8.93
CA PRO B 188 12.30 29.14 -8.84
C PRO B 188 12.74 28.96 -7.38
N GLU B 189 11.93 29.53 -6.48
CA GLU B 189 12.13 29.55 -5.02
C GLU B 189 10.83 29.11 -4.33
N PRO B 190 10.90 28.40 -3.19
CA PRO B 190 9.71 27.95 -2.47
C PRO B 190 9.09 29.16 -1.77
N PRO B 191 7.78 29.41 -1.92
CA PRO B 191 7.16 30.55 -1.25
C PRO B 191 7.19 30.39 0.27
N ARG B 192 7.50 31.48 0.98
CA ARG B 192 7.46 31.53 2.47
C ARG B 192 5.99 31.45 2.92
N ARG B 193 5.14 32.21 2.26
CA ARG B 193 3.68 32.28 2.52
C ARG B 193 2.99 32.01 1.20
N VAL B 194 2.05 31.05 1.23
CA VAL B 194 1.28 30.73 0.01
C VAL B 194 -0.16 30.48 0.42
N LEU B 195 -1.06 30.94 -0.44
CA LEU B 195 -2.51 30.65 -0.37
C LEU B 195 -2.82 29.71 -1.52
N THR B 196 -3.28 28.51 -1.20
CA THR B 196 -3.87 27.63 -2.23
C THR B 196 -5.37 27.91 -2.23
N VAL B 197 -5.93 28.24 -3.38
CA VAL B 197 -7.38 28.55 -3.49
C VAL B 197 -8.06 27.36 -4.13
N GLY B 198 -8.90 26.68 -3.35
CA GLY B 198 -9.70 25.53 -3.80
C GLY B 198 -9.65 24.46 -2.75
N GLY B 199 -10.67 23.62 -2.71
CA GLY B 199 -10.80 22.51 -1.76
C GLY B 199 -10.60 21.16 -2.42
N GLY B 200 -10.18 21.15 -3.68
CA GLY B 200 -10.01 19.95 -4.51
C GLY B 200 -8.65 19.30 -4.27
N PHE B 201 -8.36 18.20 -4.94
CA PHE B 201 -7.09 17.45 -4.75
C PHE B 201 -5.89 18.34 -5.08
N ILE B 202 -5.95 19.15 -6.12
CA ILE B 202 -4.73 19.92 -6.53
C ILE B 202 -4.37 20.93 -5.46
N SER B 203 -5.35 21.70 -4.96
CA SER B 203 -5.13 22.63 -3.84
C SER B 203 -4.57 21.90 -2.60
N VAL B 204 -5.16 20.79 -2.22
CA VAL B 204 -4.74 20.07 -1.01
C VAL B 204 -3.33 19.51 -1.23
N GLU B 205 -3.07 18.98 -2.42
CA GLU B 205 -1.78 18.30 -2.69
C GLU B 205 -0.70 19.35 -2.70
N PHE B 206 -0.93 20.48 -3.39
CA PHE B 206 0.05 21.60 -3.40
C PHE B 206 0.17 22.24 -2.02
N ALA B 207 -0.87 22.33 -1.19
CA ALA B 207 -0.69 22.83 0.18
C ALA B 207 0.32 21.96 0.92
N GLY B 208 0.29 20.63 0.73
CA GLY B 208 1.21 19.75 1.46
C GLY B 208 2.63 19.91 0.95
N ILE B 209 2.78 20.08 -0.37
CA ILE B 209 4.12 20.27 -1.03
C ILE B 209 4.77 21.53 -0.47
N PHE B 210 4.08 22.67 -0.56
CA PHE B 210 4.55 23.98 -0.07
C PHE B 210 4.78 23.95 1.44
N ASN B 211 3.97 23.23 2.18
CA ASN B 211 4.11 23.18 3.66
C ASN B 211 5.46 22.56 4.01
N ALA B 212 5.92 21.57 3.23
CA ALA B 212 7.18 20.85 3.54
C ALA B 212 8.38 21.72 3.16
N TYR B 213 8.33 22.41 2.03
CA TYR B 213 9.50 23.11 1.42
C TYR B 213 9.51 24.58 1.85
N LYS B 214 8.53 25.02 2.64
CA LYS B 214 8.49 26.46 2.97
C LYS B 214 9.75 26.80 3.76
N PRO B 215 10.36 27.96 3.47
CA PRO B 215 11.51 28.44 4.24
C PRO B 215 11.10 28.75 5.67
N PRO B 216 12.08 28.97 6.58
CA PRO B 216 11.78 29.27 7.97
C PRO B 216 10.78 30.43 8.15
N GLY B 217 9.94 30.30 9.19
CA GLY B 217 8.83 31.23 9.49
C GLY B 217 7.81 31.29 8.37
N GLY B 218 7.70 30.23 7.56
CA GLY B 218 6.75 30.22 6.44
C GLY B 218 5.39 29.76 6.91
N LYS B 219 4.38 29.91 6.06
CA LYS B 219 2.98 29.54 6.41
C LYS B 219 2.22 29.26 5.10
N VAL B 220 1.54 28.11 5.10
CA VAL B 220 0.67 27.66 4.00
C VAL B 220 -0.77 27.80 4.50
N THR B 221 -1.55 28.51 3.71
CA THR B 221 -3.00 28.70 3.90
C THR B 221 -3.74 28.12 2.70
N LEU B 222 -4.74 27.30 2.96
CA LEU B 222 -5.72 26.80 1.96
C LEU B 222 -7.06 27.47 2.24
N CYS B 223 -7.72 27.96 1.21
CA CYS B 223 -9.05 28.57 1.33
C CYS B 223 -10.02 27.88 0.36
N TYR B 224 -11.26 27.71 0.86
CA TYR B 224 -12.34 27.01 0.16
C TYR B 224 -13.67 27.69 0.49
N ARG B 225 -14.48 27.98 -0.51
CA ARG B 225 -15.82 28.62 -0.39
C ARG B 225 -16.72 27.81 0.53
N ASN B 226 -16.78 26.49 0.34
CA ASN B 226 -17.75 25.64 1.08
C ASN B 226 -17.17 25.32 2.46
N ASN B 227 -17.92 24.58 3.26
CA ASN B 227 -17.69 24.39 4.70
C ASN B 227 -16.62 23.32 4.93
N LEU B 228 -16.36 22.43 3.98
CA LEU B 228 -15.51 21.24 4.21
C LEU B 228 -14.80 20.87 2.91
N ILE B 229 -13.47 20.80 2.93
CA ILE B 229 -12.64 20.53 1.72
C ILE B 229 -13.04 19.18 1.14
N LEU B 230 -12.65 18.95 -0.11
CA LEU B 230 -12.66 17.66 -0.83
C LEU B 230 -14.08 17.12 -1.00
N ARG B 231 -15.00 17.95 -1.48
N ARG B 231 -14.99 17.96 -1.52
CA ARG B 231 -16.34 17.44 -1.88
CA ARG B 231 -16.30 17.55 -2.08
C ARG B 231 -16.15 16.32 -2.89
C ARG B 231 -16.10 16.29 -2.92
N GLY B 232 -16.97 15.29 -2.77
CA GLY B 232 -16.93 14.09 -3.62
C GLY B 232 -16.32 12.95 -2.88
N PHE B 233 -15.53 13.25 -1.86
CA PHE B 233 -14.86 12.23 -1.01
C PHE B 233 -15.74 11.91 0.19
N ASP B 234 -15.48 10.75 0.76
CA ASP B 234 -16.10 10.29 2.03
C ASP B 234 -16.06 11.41 3.06
N GLU B 235 -17.17 11.67 3.75
CA GLU B 235 -17.24 12.83 4.67
C GLU B 235 -16.35 12.66 5.90
N THR B 236 -16.24 11.44 6.46
CA THR B 236 -15.31 11.18 7.61
C THR B 236 -13.88 11.52 7.19
N ILE B 237 -13.50 11.13 5.99
CA ILE B 237 -12.14 11.37 5.44
C ILE B 237 -11.96 12.88 5.22
N ARG B 238 -12.99 13.58 4.75
CA ARG B 238 -12.90 15.05 4.53
C ARG B 238 -12.58 15.76 5.84
N GLU B 239 -13.23 15.34 6.91
CA GLU B 239 -13.10 15.94 8.27
C GLU B 239 -11.72 15.57 8.82
N GLU B 240 -11.34 14.30 8.70
CA GLU B 240 -10.06 13.81 9.28
C GLU B 240 -8.90 14.42 8.51
N VAL B 241 -8.98 14.49 7.18
CA VAL B 241 -7.84 15.02 6.39
C VAL B 241 -7.71 16.52 6.72
N THR B 242 -8.82 17.26 6.91
CA THR B 242 -8.80 18.67 7.41
C THR B 242 -8.04 18.75 8.75
N LYS B 243 -8.32 17.86 9.70
CA LYS B 243 -7.68 17.83 11.04
C LYS B 243 -6.17 17.56 10.89
N GLN B 244 -5.81 16.69 9.96
CA GLN B 244 -4.42 16.19 9.88
C GLN B 244 -3.56 17.22 9.15
N LEU B 245 -4.10 17.92 8.17
CA LEU B 245 -3.41 19.06 7.53
C LEU B 245 -3.17 20.15 8.57
N THR B 246 -4.21 20.53 9.31
CA THR B 246 -4.11 21.53 10.40
C THR B 246 -3.01 21.12 11.37
N ALA B 247 -2.98 19.85 11.78
CA ALA B 247 -2.00 19.37 12.77
C ALA B 247 -0.56 19.54 12.23
N ASN B 248 -0.39 19.53 10.92
CA ASN B 248 0.95 19.66 10.29
C ASN B 248 1.23 21.12 9.92
N GLY B 249 0.39 22.04 10.37
CA GLY B 249 0.68 23.48 10.36
C GLY B 249 0.06 24.20 9.18
N ILE B 250 -0.89 23.58 8.48
CA ILE B 250 -1.59 24.22 7.34
C ILE B 250 -2.87 24.90 7.88
N GLU B 251 -3.05 26.18 7.54
CA GLU B 251 -4.25 26.98 7.90
C GLU B 251 -5.33 26.69 6.85
N ILE B 252 -6.39 26.01 7.25
CA ILE B 252 -7.55 25.70 6.40
C ILE B 252 -8.62 26.76 6.67
N MET B 253 -8.82 27.67 5.72
CA MET B 253 -9.87 28.71 5.74
C MET B 253 -11.09 28.27 4.94
N THR B 254 -12.05 27.60 5.57
CA THR B 254 -13.29 27.16 4.85
C THR B 254 -14.32 28.30 4.93
N ASN B 255 -15.27 28.32 4.00
CA ASN B 255 -16.27 29.40 3.85
C ASN B 255 -15.55 30.73 3.58
N GLU B 256 -14.46 30.70 2.81
CA GLU B 256 -13.68 31.91 2.45
C GLU B 256 -13.31 31.82 0.98
N ASN B 257 -13.30 32.96 0.29
CA ASN B 257 -12.96 33.04 -1.14
C ASN B 257 -12.27 34.38 -1.40
N PRO B 258 -11.21 34.44 -2.27
CA PRO B 258 -10.60 35.71 -2.66
C PRO B 258 -11.58 36.61 -3.45
N ALA B 259 -11.76 37.84 -2.98
CA ALA B 259 -12.51 38.91 -3.68
C ALA B 259 -11.58 39.62 -4.66
N LYS B 260 -10.36 39.93 -4.20
CA LYS B 260 -9.31 40.57 -5.04
C LYS B 260 -7.90 40.34 -4.45
N VAL B 261 -6.93 40.58 -5.31
CA VAL B 261 -5.49 40.60 -4.96
C VAL B 261 -4.85 41.88 -5.49
N SER B 262 -4.06 42.51 -4.64
CA SER B 262 -3.18 43.66 -5.00
C SER B 262 -1.75 43.34 -4.52
N LEU B 263 -0.77 44.09 -5.04
CA LEU B 263 0.66 43.99 -4.65
C LEU B 263 0.93 44.94 -3.49
N ASN B 264 1.35 44.42 -2.33
CA ASN B 264 2.10 45.17 -1.30
C ASN B 264 3.31 45.80 -1.98
N THR B 265 3.92 46.83 -1.37
CA THR B 265 4.97 47.65 -2.05
C THR B 265 6.20 46.75 -2.34
N ASP B 266 6.44 45.73 -1.49
CA ASP B 266 7.56 44.77 -1.62
C ASP B 266 7.27 43.66 -2.65
N GLY B 267 6.14 43.73 -3.37
CA GLY B 267 5.78 42.80 -4.47
C GLY B 267 5.02 41.56 -3.98
N SER B 268 4.88 41.37 -2.66
CA SER B 268 4.06 40.31 -2.03
C SER B 268 2.58 40.58 -2.33
N LYS B 269 1.75 39.55 -2.15
CA LYS B 269 0.34 39.59 -2.61
C LYS B 269 -0.55 39.84 -1.40
N HIS B 270 -1.36 40.88 -1.51
CA HIS B 270 -2.31 41.32 -0.46
C HIS B 270 -3.65 40.71 -0.82
N VAL B 271 -4.13 39.76 -0.02
CA VAL B 271 -5.39 39.04 -0.39
C VAL B 271 -6.51 39.62 0.46
N THR B 272 -7.57 40.08 -0.22
CA THR B 272 -8.89 40.41 0.39
C THR B 272 -9.92 39.32 0.04
N PHE B 273 -10.37 38.61 1.07
CA PHE B 273 -11.46 37.60 1.01
C PHE B 273 -12.80 38.33 1.05
N GLU B 274 -13.81 37.75 0.40
CA GLU B 274 -15.22 38.20 0.44
C GLU B 274 -15.64 38.50 1.88
N SER B 275 -15.09 37.80 2.89
CA SER B 275 -15.42 37.98 4.33
C SER B 275 -14.81 39.26 4.92
N GLY B 276 -13.96 39.96 4.15
CA GLY B 276 -13.19 41.15 4.61
C GLY B 276 -11.94 40.77 5.41
N LYS B 277 -11.67 39.47 5.58
CA LYS B 277 -10.34 39.01 6.06
C LYS B 277 -9.31 39.44 5.00
N THR B 278 -8.07 39.59 5.45
CA THR B 278 -6.90 39.89 4.59
C THR B 278 -5.79 38.89 4.94
N LEU B 279 -4.98 38.59 3.94
CA LEU B 279 -3.80 37.72 4.06
C LEU B 279 -2.74 38.28 3.14
N ASP B 280 -1.52 38.40 3.65
CA ASP B 280 -0.35 38.72 2.80
C ASP B 280 0.41 37.41 2.56
N VAL B 281 0.67 37.12 1.28
CA VAL B 281 1.35 35.87 0.83
C VAL B 281 2.33 36.22 -0.30
N ASP B 282 3.30 35.34 -0.52
CA ASP B 282 4.30 35.43 -1.61
C ASP B 282 3.67 34.85 -2.87
N VAL B 283 2.82 33.83 -2.72
CA VAL B 283 2.17 33.14 -3.88
C VAL B 283 0.68 32.95 -3.57
N VAL B 284 -0.15 33.18 -4.58
CA VAL B 284 -1.58 32.81 -4.67
C VAL B 284 -1.73 31.77 -5.79
N MET B 285 -1.97 30.52 -5.42
CA MET B 285 -2.18 29.45 -6.44
C MET B 285 -3.68 29.14 -6.49
N MET B 286 -4.30 29.45 -7.63
CA MET B 286 -5.70 29.14 -7.97
C MET B 286 -5.80 27.68 -8.44
N ALA B 287 -6.51 26.86 -7.67
CA ALA B 287 -6.87 25.47 -8.04
C ALA B 287 -8.37 25.28 -7.83
N ILE B 288 -9.16 26.04 -8.58
CA ILE B 288 -10.65 26.11 -8.39
C ILE B 288 -11.36 25.27 -9.45
N GLY B 289 -10.65 24.75 -10.46
CA GLY B 289 -11.30 23.85 -11.42
C GLY B 289 -10.52 23.74 -12.70
N ARG B 290 -10.80 22.72 -13.47
CA ARG B 290 -10.16 22.59 -14.80
C ARG B 290 -11.26 22.54 -15.85
N ILE B 291 -11.05 23.25 -16.95
CA ILE B 291 -12.07 23.30 -18.02
C ILE B 291 -11.51 22.68 -19.30
N PRO B 292 -12.41 22.02 -20.08
CA PRO B 292 -12.03 21.32 -21.31
C PRO B 292 -11.41 22.31 -22.30
N ARG B 293 -10.37 21.89 -23.03
CA ARG B 293 -9.65 22.82 -23.95
C ARG B 293 -10.20 22.67 -25.36
N THR B 294 -11.27 23.40 -25.69
CA THR B 294 -11.96 23.30 -27.00
C THR B 294 -11.86 24.61 -27.79
N ASN B 295 -11.57 25.72 -27.12
CA ASN B 295 -11.47 27.07 -27.72
C ASN B 295 -10.71 27.04 -29.03
N ASP B 296 -9.51 26.43 -29.00
CA ASP B 296 -8.51 26.51 -30.08
C ASP B 296 -8.81 25.53 -31.20
N LEU B 297 -9.78 24.61 -31.01
CA LEU B 297 -10.02 23.52 -31.97
C LEU B 297 -10.89 24.01 -33.16
N GLN B 298 -11.46 25.21 -33.09
CA GLN B 298 -12.32 25.75 -34.21
C GLN B 298 -13.40 24.72 -34.58
N LEU B 299 -14.05 24.15 -33.57
CA LEU B 299 -15.00 23.04 -33.78
C LEU B 299 -16.22 23.58 -34.55
N GLY B 300 -16.46 24.90 -34.53
CA GLY B 300 -17.47 25.54 -35.38
C GLY B 300 -17.25 25.28 -36.87
N ASN B 301 -16.06 24.87 -37.30
CA ASN B 301 -15.77 24.55 -38.72
C ASN B 301 -16.45 23.25 -39.14
N VAL B 302 -16.82 22.41 -38.18
CA VAL B 302 -17.40 21.07 -38.46
C VAL B 302 -18.72 20.89 -37.70
N GLY B 303 -19.06 21.77 -36.76
CA GLY B 303 -20.32 21.68 -36.00
C GLY B 303 -20.32 20.52 -35.01
N VAL B 304 -19.16 20.24 -34.41
CA VAL B 304 -19.08 19.26 -33.27
C VAL B 304 -19.83 19.84 -32.09
N LYS B 305 -20.69 19.03 -31.48
CA LYS B 305 -21.57 19.53 -30.42
C LYS B 305 -20.77 19.65 -29.12
N LEU B 306 -20.75 20.86 -28.56
CA LEU B 306 -20.19 21.20 -27.22
C LEU B 306 -21.30 21.40 -26.19
N THR B 307 -20.96 21.28 -24.91
CA THR B 307 -21.83 21.69 -23.77
C THR B 307 -21.63 23.19 -23.56
N PRO B 308 -22.53 23.91 -22.87
CA PRO B 308 -22.27 25.32 -22.50
C PRO B 308 -20.95 25.54 -21.74
N LYS B 309 -20.61 24.60 -20.85
CA LYS B 309 -19.30 24.38 -20.17
C LYS B 309 -18.12 24.47 -21.17
N GLY B 310 -18.26 23.88 -22.36
CA GLY B 310 -17.21 23.80 -23.41
C GLY B 310 -16.62 22.41 -23.57
N GLY B 311 -17.19 21.39 -22.93
CA GLY B 311 -16.79 20.00 -23.14
C GLY B 311 -17.34 19.47 -24.44
N VAL B 312 -16.67 18.50 -25.03
CA VAL B 312 -17.21 17.83 -26.23
C VAL B 312 -18.20 16.79 -25.74
N GLN B 313 -19.43 16.84 -26.24
CA GLN B 313 -20.46 15.83 -25.89
C GLN B 313 -20.14 14.54 -26.62
N VAL B 314 -20.20 13.43 -25.91
CA VAL B 314 -19.85 12.10 -26.46
C VAL B 314 -20.91 11.11 -26.00
N ASP B 315 -21.16 10.10 -26.81
CA ASP B 315 -21.94 8.91 -26.38
C ASP B 315 -21.02 8.05 -25.49
N GLU B 316 -21.44 6.86 -25.11
CA GLU B 316 -20.63 5.98 -24.21
C GLU B 316 -19.45 5.40 -24.99
N PHE B 317 -19.41 5.52 -26.32
CA PHE B 317 -18.31 5.01 -27.17
C PHE B 317 -17.39 6.17 -27.59
N SER B 318 -17.55 7.35 -26.97
CA SER B 318 -16.68 8.51 -27.23
C SER B 318 -16.93 9.14 -28.62
N ARG B 319 -18.12 8.94 -29.18
CA ARG B 319 -18.49 9.46 -30.53
C ARG B 319 -19.14 10.84 -30.38
N THR B 320 -18.68 11.81 -31.15
CA THR B 320 -19.32 13.14 -31.21
C THR B 320 -20.55 12.96 -32.11
N ASN B 321 -21.33 14.03 -32.31
CA ASN B 321 -22.47 14.08 -33.26
C ASN B 321 -21.95 13.99 -34.69
N VAL B 322 -20.64 14.17 -34.93
CA VAL B 322 -20.06 14.09 -36.29
C VAL B 322 -19.40 12.73 -36.48
N PRO B 323 -19.84 11.92 -37.47
CA PRO B 323 -19.26 10.60 -37.70
C PRO B 323 -17.77 10.75 -37.99
N ASN B 324 -16.93 9.85 -37.50
CA ASN B 324 -15.48 9.89 -37.77
C ASN B 324 -14.80 10.96 -36.88
N ILE B 325 -15.51 11.67 -36.01
CA ILE B 325 -14.85 12.55 -35.01
C ILE B 325 -15.28 12.10 -33.62
N TYR B 326 -14.29 11.81 -32.78
CA TYR B 326 -14.42 11.23 -31.44
C TYR B 326 -13.72 12.16 -30.44
N ALA B 327 -14.01 12.01 -29.16
CA ALA B 327 -13.30 12.77 -28.12
C ALA B 327 -13.12 11.85 -26.92
N ILE B 328 -11.94 11.89 -26.33
CA ILE B 328 -11.72 11.15 -25.05
C ILE B 328 -11.02 12.05 -24.06
N GLY B 329 -10.97 11.62 -22.81
CA GLY B 329 -10.19 12.29 -21.77
C GLY B 329 -10.88 13.52 -21.27
N ASP B 330 -10.10 14.43 -20.70
CA ASP B 330 -10.61 15.56 -19.91
C ASP B 330 -11.49 16.42 -20.83
N ILE B 331 -11.21 16.51 -22.12
CA ILE B 331 -12.00 17.38 -23.06
C ILE B 331 -13.48 16.99 -22.99
N THR B 332 -13.80 15.77 -22.55
CA THR B 332 -15.18 15.26 -22.39
C THR B 332 -15.77 15.67 -21.03
N ASP B 333 -14.95 16.23 -20.14
CA ASP B 333 -15.37 16.80 -18.82
C ASP B 333 -16.16 15.76 -18.03
N ARG B 334 -15.71 14.53 -18.04
CA ARG B 334 -16.33 13.47 -17.21
C ARG B 334 -15.43 13.22 -15.98
N LEU B 335 -14.70 12.09 -15.92
CA LEU B 335 -13.71 11.79 -14.86
C LEU B 335 -12.32 12.22 -15.35
N MET B 336 -11.75 13.25 -14.75
CA MET B 336 -10.47 13.79 -15.27
C MET B 336 -9.32 13.07 -14.55
N LEU B 337 -9.05 11.85 -15.00
CA LEU B 337 -7.97 10.97 -14.50
C LEU B 337 -7.24 10.41 -15.71
N THR B 338 -5.93 10.25 -15.57
CA THR B 338 -5.09 9.73 -16.66
C THR B 338 -5.56 8.32 -17.04
N PRO B 339 -5.78 7.41 -16.08
CA PRO B 339 -6.11 6.03 -16.45
C PRO B 339 -7.47 5.94 -17.13
N VAL B 340 -8.37 6.86 -16.83
CA VAL B 340 -9.69 6.93 -17.50
C VAL B 340 -9.51 7.39 -18.95
N ALA B 341 -8.74 8.46 -19.17
CA ALA B 341 -8.41 8.92 -20.54
C ALA B 341 -7.81 7.77 -21.31
N ILE B 342 -6.87 7.05 -20.68
CA ILE B 342 -6.17 5.93 -21.36
C ILE B 342 -7.21 4.84 -21.70
N ASN B 343 -8.08 4.53 -20.76
CA ASN B 343 -9.08 3.47 -20.95
C ASN B 343 -10.00 3.86 -22.11
N GLU B 344 -10.43 5.13 -22.15
CA GLU B 344 -11.35 5.63 -23.20
C GLU B 344 -10.69 5.53 -24.58
N GLY B 345 -9.40 5.89 -24.69
CA GLY B 345 -8.65 5.84 -25.97
C GLY B 345 -8.54 4.42 -26.50
N ALA B 346 -8.19 3.49 -25.63
CA ALA B 346 -8.08 2.05 -25.96
C ALA B 346 -9.45 1.53 -26.42
N ALA B 347 -10.52 1.89 -25.70
CA ALA B 347 -11.89 1.40 -25.97
C ALA B 347 -12.35 1.97 -27.31
N LEU B 348 -12.02 3.24 -27.57
CA LEU B 348 -12.40 3.91 -28.82
C LEU B 348 -11.76 3.16 -29.99
N VAL B 349 -10.45 2.94 -29.92
CA VAL B 349 -9.68 2.33 -31.04
C VAL B 349 -10.12 0.89 -31.23
N ASP B 350 -10.37 0.17 -30.14
CA ASP B 350 -10.86 -1.23 -30.22
C ASP B 350 -12.19 -1.22 -31.00
N THR B 351 -13.08 -0.32 -30.63
CA THR B 351 -14.45 -0.19 -31.20
C THR B 351 -14.34 0.14 -32.69
N VAL B 352 -13.58 1.18 -33.03
CA VAL B 352 -13.58 1.78 -34.40
C VAL B 352 -12.73 0.95 -35.35
N PHE B 353 -11.50 0.61 -34.96
CA PHE B 353 -10.52 -0.06 -35.86
C PHE B 353 -10.53 -1.57 -35.61
N GLY B 354 -10.96 -2.05 -34.44
CA GLY B 354 -11.02 -3.50 -34.18
C GLY B 354 -12.40 -4.13 -34.44
N ASN B 355 -13.46 -3.33 -34.57
CA ASN B 355 -14.85 -3.86 -34.50
C ASN B 355 -14.96 -4.76 -33.25
N LYS B 356 -14.41 -4.28 -32.13
CA LYS B 356 -14.46 -4.93 -30.81
C LYS B 356 -15.14 -3.96 -29.88
N PRO B 357 -16.49 -3.89 -29.93
CA PRO B 357 -17.23 -2.80 -29.33
C PRO B 357 -17.04 -2.82 -27.81
N ARG B 358 -16.62 -1.69 -27.28
CA ARG B 358 -16.25 -1.54 -25.85
C ARG B 358 -16.40 -0.07 -25.43
N LYS B 359 -16.97 0.11 -24.24
CA LYS B 359 -17.16 1.44 -23.62
C LYS B 359 -16.52 1.40 -22.24
N THR B 360 -15.94 2.52 -21.83
CA THR B 360 -15.23 2.67 -20.55
C THR B 360 -16.26 2.68 -19.43
N ASP B 361 -16.04 1.89 -18.40
CA ASP B 361 -16.86 1.95 -17.16
C ASP B 361 -16.28 3.07 -16.30
N HIS B 362 -17.05 4.14 -16.10
CA HIS B 362 -16.68 5.32 -15.28
C HIS B 362 -17.15 5.11 -13.84
N THR B 363 -17.77 3.98 -13.54
CA THR B 363 -18.13 3.60 -12.15
C THR B 363 -16.95 2.80 -11.58
N ARG B 364 -16.84 2.85 -10.26
CA ARG B 364 -15.96 1.94 -9.47
C ARG B 364 -14.50 2.09 -9.93
N VAL B 365 -14.15 3.33 -10.25
CA VAL B 365 -12.78 3.73 -10.67
C VAL B 365 -12.04 4.05 -9.39
N ALA B 366 -11.02 3.25 -9.07
CA ALA B 366 -10.09 3.54 -7.96
C ALA B 366 -9.33 4.83 -8.28
N SER B 367 -9.21 5.71 -7.30
CA SER B 367 -8.46 6.97 -7.43
C SER B 367 -7.83 7.32 -6.08
N ALA B 368 -7.00 8.36 -6.09
CA ALA B 368 -6.23 8.73 -4.91
C ALA B 368 -6.10 10.24 -4.81
N VAL B 369 -5.88 10.68 -3.60
CA VAL B 369 -5.37 12.05 -3.33
C VAL B 369 -4.05 11.90 -2.60
N PHE B 370 -3.00 12.50 -3.14
CA PHE B 370 -1.65 12.44 -2.53
C PHE B 370 -1.50 13.61 -1.60
N SER B 371 -2.50 13.75 -0.74
CA SER B 371 -2.40 14.58 0.45
C SER B 371 -1.42 13.88 1.39
N ILE B 372 -1.10 14.55 2.47
CA ILE B 372 -0.25 13.99 3.55
C ILE B 372 -1.10 14.10 4.82
N PRO B 373 -1.65 12.96 5.31
CA PRO B 373 -1.56 11.67 4.61
C PRO B 373 -2.53 11.54 3.46
N PRO B 374 -2.37 10.48 2.63
CA PRO B 374 -3.13 10.35 1.39
C PRO B 374 -4.49 9.66 1.54
N ILE B 375 -5.27 9.76 0.48
CA ILE B 375 -6.61 9.12 0.36
C ILE B 375 -6.56 8.09 -0.74
N GLY B 376 -7.20 6.95 -0.54
CA GLY B 376 -7.49 6.03 -1.65
C GLY B 376 -8.95 5.74 -1.61
N THR B 377 -9.62 5.72 -2.75
CA THR B 377 -11.09 5.51 -2.79
C THR B 377 -11.48 4.76 -4.04
N CYS B 378 -12.58 4.02 -3.97
CA CYS B 378 -13.20 3.34 -5.12
C CYS B 378 -14.70 3.24 -4.84
N GLY B 379 -15.51 3.74 -5.78
CA GLY B 379 -16.96 3.54 -5.76
C GLY B 379 -17.63 4.61 -4.94
N LEU B 380 -18.82 4.32 -4.42
CA LEU B 380 -19.78 5.37 -3.97
C LEU B 380 -19.50 5.79 -2.53
N ILE B 381 -19.63 7.07 -2.25
CA ILE B 381 -19.73 7.53 -0.83
C ILE B 381 -21.15 7.22 -0.34
N GLU B 382 -21.30 7.09 0.97
CA GLU B 382 -22.53 6.58 1.61
C GLU B 382 -23.74 7.46 1.24
N GLU B 383 -23.58 8.79 1.23
CA GLU B 383 -24.68 9.75 0.93
C GLU B 383 -25.24 9.46 -0.46
N VAL B 384 -24.38 9.09 -1.40
CA VAL B 384 -24.78 8.79 -2.80
C VAL B 384 -25.44 7.42 -2.80
N ALA B 385 -24.86 6.43 -2.09
CA ALA B 385 -25.38 5.07 -2.04
C ALA B 385 -26.80 5.11 -1.44
N ALA B 386 -27.00 5.93 -0.41
CA ALA B 386 -28.23 5.96 0.41
C ALA B 386 -29.41 6.43 -0.45
N LYS B 387 -29.16 7.27 -1.46
CA LYS B 387 -30.18 7.76 -2.43
C LYS B 387 -30.52 6.67 -3.45
N GLU B 388 -29.66 5.69 -3.70
CA GLU B 388 -29.87 4.71 -4.79
C GLU B 388 -30.18 3.31 -4.23
N PHE B 389 -30.11 3.12 -2.90
CA PHE B 389 -30.32 1.80 -2.26
C PHE B 389 -31.15 1.99 -0.99
N GLU B 390 -32.18 1.15 -0.84
CA GLU B 390 -33.12 1.21 0.31
C GLU B 390 -32.33 1.11 1.61
N LYS B 391 -31.44 0.11 1.68
CA LYS B 391 -30.64 -0.20 2.88
C LYS B 391 -29.15 -0.18 2.53
N VAL B 392 -28.40 0.71 3.19
CA VAL B 392 -26.93 0.85 3.04
C VAL B 392 -26.27 0.63 4.41
N ALA B 393 -25.22 -0.20 4.46
CA ALA B 393 -24.43 -0.45 5.67
C ALA B 393 -23.10 0.27 5.52
N VAL B 394 -22.63 0.89 6.61
CA VAL B 394 -21.26 1.49 6.71
C VAL B 394 -20.46 0.69 7.74
N TYR B 395 -19.39 0.05 7.27
CA TYR B 395 -18.35 -0.61 8.09
C TYR B 395 -17.22 0.40 8.24
N MET B 396 -16.92 0.86 9.45
CA MET B 396 -15.91 1.93 9.68
C MET B 396 -14.92 1.49 10.76
N SER B 397 -13.65 1.67 10.47
CA SER B 397 -12.56 1.51 11.47
C SER B 397 -11.68 2.75 11.38
N SER B 398 -11.47 3.41 12.51
CA SER B 398 -10.65 4.63 12.59
C SER B 398 -9.80 4.54 13.86
N PHE B 399 -8.47 4.49 13.72
CA PHE B 399 -7.48 4.26 14.80
C PHE B 399 -6.16 4.92 14.41
N THR B 400 -5.56 5.71 15.31
CA THR B 400 -4.13 6.13 15.19
C THR B 400 -3.29 4.86 15.19
N PRO B 401 -2.69 4.42 14.06
CA PRO B 401 -1.93 3.18 14.02
C PRO B 401 -0.78 3.27 15.02
N LEU B 402 -0.11 2.14 15.25
CA LEU B 402 0.85 2.00 16.38
C LEU B 402 2.16 2.69 16.02
N MET B 403 2.70 2.50 14.79
CA MET B 403 3.92 3.24 14.39
C MET B 403 3.69 4.72 14.72
N HIS B 404 2.45 5.23 14.69
CA HIS B 404 2.21 6.69 14.93
C HIS B 404 1.94 7.06 16.40
N ASN B 405 1.76 6.12 17.31
CA ASN B 405 1.91 6.45 18.75
C ASN B 405 3.38 6.86 18.92
N ILE B 406 4.27 5.91 18.61
CA ILE B 406 5.75 6.03 18.74
C ILE B 406 6.33 7.20 17.93
N SER B 407 5.85 7.47 16.71
CA SER B 407 6.45 8.48 15.79
C SER B 407 6.29 9.89 16.34
N GLY B 408 5.28 10.11 17.17
CA GLY B 408 4.87 11.45 17.65
C GLY B 408 3.77 12.07 16.80
N SER B 409 3.41 11.50 15.65
CA SER B 409 2.25 11.94 14.83
C SER B 409 0.97 11.20 15.29
N LYS B 410 0.55 11.42 16.54
CA LYS B 410 -0.63 10.76 17.17
C LYS B 410 -1.89 11.16 16.42
N TYR B 411 -1.86 12.30 15.75
CA TYR B 411 -2.99 12.83 14.94
C TYR B 411 -3.26 11.97 13.70
N LYS B 412 -2.32 11.15 13.25
CA LYS B 412 -2.46 10.46 11.95
C LYS B 412 -3.35 9.22 12.10
N LYS B 413 -4.67 9.42 12.23
CA LYS B 413 -5.65 8.32 12.27
C LYS B 413 -5.77 7.72 10.88
N PHE B 414 -5.70 6.40 10.78
CA PHE B 414 -6.06 5.66 9.55
C PHE B 414 -7.58 5.50 9.57
N VAL B 415 -8.23 5.84 8.47
CA VAL B 415 -9.69 5.63 8.34
C VAL B 415 -9.90 4.61 7.24
N ALA B 416 -10.58 3.50 7.54
CA ALA B 416 -11.02 2.54 6.52
C ALA B 416 -12.55 2.43 6.60
N LYS B 417 -13.25 2.67 5.49
CA LYS B 417 -14.73 2.59 5.46
C LYS B 417 -15.18 1.80 4.23
N ILE B 418 -16.05 0.84 4.48
CA ILE B 418 -16.68 0.02 3.40
C ILE B 418 -18.17 0.34 3.48
N VAL B 419 -18.75 0.68 2.32
CA VAL B 419 -20.20 0.98 2.13
C VAL B 419 -20.80 -0.18 1.35
N THR B 420 -21.88 -0.78 1.86
CA THR B 420 -22.53 -1.92 1.16
C THR B 420 -23.99 -1.59 0.86
N ASN B 421 -24.49 -2.27 -0.18
CA ASN B 421 -25.92 -2.63 -0.32
C ASN B 421 -26.24 -3.69 0.74
N HIS B 422 -26.80 -3.28 1.87
CA HIS B 422 -27.10 -4.18 3.01
C HIS B 422 -28.09 -5.29 2.65
N SER B 423 -28.85 -5.16 1.55
CA SER B 423 -29.80 -6.19 1.06
C SER B 423 -29.02 -7.43 0.64
N ASP B 424 -27.85 -7.30 0.01
CA ASP B 424 -27.12 -8.51 -0.45
C ASP B 424 -25.66 -8.52 0.01
N GLY B 425 -25.16 -7.46 0.64
CA GLY B 425 -23.75 -7.34 1.10
C GLY B 425 -22.81 -6.79 0.04
N THR B 426 -23.30 -6.46 -1.16
CA THR B 426 -22.42 -6.04 -2.28
C THR B 426 -21.70 -4.75 -1.87
N VAL B 427 -20.37 -4.72 -2.01
CA VAL B 427 -19.60 -3.48 -1.68
C VAL B 427 -19.83 -2.44 -2.78
N LEU B 428 -20.31 -1.26 -2.39
CA LEU B 428 -20.60 -0.11 -3.28
C LEU B 428 -19.43 0.89 -3.29
N GLY B 429 -18.69 0.94 -2.19
CA GLY B 429 -17.63 1.95 -1.99
C GLY B 429 -16.67 1.56 -0.89
N VAL B 430 -15.38 1.84 -1.13
CA VAL B 430 -14.31 1.67 -0.12
C VAL B 430 -13.51 2.97 -0.07
N HIS B 431 -13.30 3.52 1.12
CA HIS B 431 -12.68 4.84 1.33
C HIS B 431 -11.63 4.71 2.42
N LEU B 432 -10.42 5.14 2.11
CA LEU B 432 -9.22 4.97 2.94
C LEU B 432 -8.55 6.32 3.11
N LEU B 433 -8.13 6.60 4.33
CA LEU B 433 -7.22 7.72 4.61
C LEU B 433 -6.09 7.21 5.48
N GLY B 434 -4.85 7.41 5.00
CA GLY B 434 -3.65 7.08 5.77
C GLY B 434 -2.55 6.56 4.85
N ASP B 435 -1.34 6.51 5.39
CA ASP B 435 -0.14 6.05 4.65
C ASP B 435 -0.54 4.78 3.94
N GLY B 436 -0.26 4.67 2.64
CA GLY B 436 -0.49 3.42 1.89
C GLY B 436 -1.84 3.38 1.19
N ALA B 437 -2.78 4.27 1.50
CA ALA B 437 -4.15 4.19 0.98
C ALA B 437 -4.17 4.07 -0.55
N PRO B 438 -3.40 4.88 -1.34
CA PRO B 438 -3.45 4.77 -2.81
C PRO B 438 -3.02 3.40 -3.36
N GLU B 439 -2.09 2.76 -2.66
CA GLU B 439 -1.53 1.41 -2.97
C GLU B 439 -2.55 0.35 -2.56
N ILE B 440 -3.23 0.53 -1.43
CA ILE B 440 -4.21 -0.46 -0.91
C ILE B 440 -5.39 -0.53 -1.86
N ILE B 441 -5.86 0.62 -2.34
CA ILE B 441 -7.19 0.74 -3.03
C ILE B 441 -7.12 0.09 -4.41
N GLN B 442 -5.93 -0.08 -5.01
CA GLN B 442 -5.84 -0.56 -6.41
C GLN B 442 -6.56 -1.90 -6.55
N ALA B 443 -6.17 -2.88 -5.75
CA ALA B 443 -6.72 -4.26 -5.83
C ALA B 443 -8.19 -4.23 -5.34
N VAL B 444 -8.59 -3.20 -4.61
CA VAL B 444 -10.01 -3.01 -4.21
C VAL B 444 -10.82 -2.69 -5.48
N GLY B 445 -10.24 -1.95 -6.42
CA GLY B 445 -10.86 -1.75 -7.74
C GLY B 445 -11.25 -3.08 -8.37
N VAL B 446 -10.35 -4.06 -8.31
CA VAL B 446 -10.58 -5.41 -8.92
C VAL B 446 -11.69 -6.13 -8.14
N CYS B 447 -11.74 -5.97 -6.82
CA CYS B 447 -12.81 -6.55 -5.95
C CYS B 447 -14.18 -6.04 -6.40
N LEU B 448 -14.32 -4.73 -6.65
CA LEU B 448 -15.62 -4.11 -7.03
C LEU B 448 -16.01 -4.51 -8.46
N ARG B 449 -15.05 -4.71 -9.35
CA ARG B 449 -15.35 -5.29 -10.69
C ARG B 449 -15.95 -6.69 -10.48
N LEU B 450 -15.50 -7.46 -9.50
CA LEU B 450 -15.93 -8.87 -9.29
C LEU B 450 -17.15 -8.93 -8.37
N ASN B 451 -17.76 -7.77 -8.11
CA ASN B 451 -18.99 -7.64 -7.27
C ASN B 451 -18.73 -8.24 -5.89
N ALA B 452 -17.55 -7.98 -5.30
CA ALA B 452 -17.23 -8.45 -3.93
C ALA B 452 -18.32 -7.97 -2.97
N LYS B 453 -18.63 -8.83 -2.00
CA LYS B 453 -19.49 -8.50 -0.85
C LYS B 453 -18.61 -8.34 0.39
N ILE B 454 -19.15 -7.73 1.43
CA ILE B 454 -18.46 -7.55 2.73
C ILE B 454 -17.99 -8.90 3.26
N SER B 455 -18.76 -9.97 3.07
CA SER B 455 -18.36 -11.33 3.51
C SER B 455 -17.07 -11.75 2.79
N ASP B 456 -16.88 -11.37 1.54
CA ASP B 456 -15.63 -11.68 0.78
C ASP B 456 -14.44 -10.94 1.39
N PHE B 457 -14.64 -9.71 1.84
CA PHE B 457 -13.57 -9.01 2.60
C PHE B 457 -13.29 -9.69 3.96
N TYR B 458 -14.33 -9.88 4.79
CA TYR B 458 -14.17 -10.35 6.19
C TYR B 458 -13.58 -11.76 6.19
N ASN B 459 -14.00 -12.62 5.25
CA ASN B 459 -13.56 -14.03 5.20
C ASN B 459 -12.16 -14.17 4.58
N THR B 460 -11.65 -13.10 3.98
CA THR B 460 -10.24 -13.10 3.51
C THR B 460 -9.33 -12.95 4.73
N ILE B 461 -8.26 -13.71 4.75
CA ILE B 461 -7.29 -13.67 5.85
C ILE B 461 -6.43 -12.38 5.71
N GLY B 462 -6.32 -11.64 6.79
CA GLY B 462 -5.49 -10.42 6.90
C GLY B 462 -4.02 -10.71 6.63
N VAL B 463 -3.32 -9.71 6.12
CA VAL B 463 -1.84 -9.60 6.16
C VAL B 463 -1.49 -8.70 7.32
N HIS B 464 -0.69 -9.17 8.26
CA HIS B 464 -0.48 -8.49 9.55
C HIS B 464 1.00 -8.36 9.78
N PRO B 465 1.49 -7.20 10.25
CA PRO B 465 0.66 -6.01 10.48
C PRO B 465 0.65 -5.09 9.26
N THR B 466 -0.56 -4.70 8.85
CA THR B 466 -0.76 -3.73 7.76
C THR B 466 -1.90 -2.81 8.20
N SER B 467 -2.01 -1.66 7.54
CA SER B 467 -3.26 -0.87 7.61
C SER B 467 -4.35 -1.58 6.80
N ALA B 468 -4.00 -2.15 5.63
CA ALA B 468 -4.96 -2.77 4.71
C ALA B 468 -5.79 -3.85 5.42
N GLU B 469 -5.22 -4.59 6.38
CA GLU B 469 -5.94 -5.75 6.99
C GLU B 469 -7.21 -5.24 7.67
N GLU B 470 -7.33 -3.94 7.97
CA GLU B 470 -8.58 -3.40 8.57
C GLU B 470 -9.77 -3.77 7.69
N LEU B 471 -9.56 -3.80 6.37
CA LEU B 471 -10.64 -4.03 5.38
C LEU B 471 -11.21 -5.43 5.55
N CYS B 472 -10.44 -6.36 6.14
CA CYS B 472 -10.75 -7.81 6.20
C CYS B 472 -11.09 -8.21 7.65
N SER B 473 -11.26 -7.22 8.53
CA SER B 473 -11.46 -7.36 9.99
C SER B 473 -12.81 -6.79 10.45
N MET B 474 -13.68 -6.34 9.54
CA MET B 474 -14.98 -5.69 9.86
C MET B 474 -16.12 -6.67 9.53
N ARG B 475 -16.72 -7.19 10.59
CA ARG B 475 -17.74 -8.25 10.67
C ARG B 475 -19.13 -7.58 10.69
N THR B 476 -19.22 -6.39 11.30
CA THR B 476 -20.47 -5.77 11.79
C THR B 476 -20.57 -4.30 11.39
N PRO B 477 -21.71 -3.84 10.79
CA PRO B 477 -21.87 -2.42 10.45
C PRO B 477 -21.67 -1.51 11.67
N SER B 478 -21.14 -0.29 11.44
CA SER B 478 -21.03 0.80 12.42
C SER B 478 -22.36 1.55 12.48
N TYR B 479 -23.02 1.74 11.33
CA TYR B 479 -24.35 2.39 11.23
C TYR B 479 -24.96 2.04 9.86
N TYR B 480 -26.18 2.51 9.61
CA TYR B 480 -26.96 2.25 8.38
C TYR B 480 -27.58 3.54 7.87
N TYR B 481 -27.97 3.51 6.60
CA TYR B 481 -29.00 4.36 5.96
C TYR B 481 -30.13 3.44 5.51
N VAL B 482 -31.32 3.81 5.95
CA VAL B 482 -32.58 3.11 5.59
C VAL B 482 -33.44 4.18 4.93
N LYS B 483 -33.77 4.01 3.64
CA LYS B 483 -34.57 4.95 2.80
C LYS B 483 -33.96 6.36 2.88
N GLY B 484 -32.63 6.48 2.73
CA GLY B 484 -31.89 7.77 2.78
C GLY B 484 -31.64 8.30 4.18
N GLU B 485 -32.12 7.62 5.22
CA GLU B 485 -32.03 8.12 6.61
C GLU B 485 -30.96 7.34 7.37
N LYS B 486 -30.03 8.05 8.00
CA LYS B 486 -28.95 7.46 8.82
C LYS B 486 -29.55 6.94 10.14
N MET B 487 -29.18 5.73 10.51
CA MET B 487 -29.64 5.12 11.78
C MET B 487 -28.39 4.58 12.47
N GLU B 488 -28.13 5.05 13.69
CA GLU B 488 -27.08 4.46 14.55
C GLU B 488 -27.59 3.14 15.15
PA FAD C . 0.72 -17.35 20.13
O1A FAD C . 0.22 -16.05 19.65
O2A FAD C . 2.16 -17.73 19.97
O5B FAD C . 0.21 -17.50 21.65
C5B FAD C . 0.69 -18.61 22.45
C4B FAD C . 0.59 -18.21 23.89
O4B FAD C . 0.45 -19.39 24.70
C3B FAD C . 1.78 -17.41 24.46
O3B FAD C . 1.30 -16.15 24.92
C2B FAD C . 2.35 -18.31 25.57
O2B FAD C . 2.73 -17.57 26.73
C1B FAD C . 1.14 -19.20 25.91
N9A FAD C . 1.48 -20.52 26.43
C8A FAD C . 2.34 -21.43 25.90
N7A FAD C . 2.35 -22.56 26.58
C5A FAD C . 1.46 -22.34 27.62
C6A FAD C . 1.02 -23.15 28.68
N6A FAD C . 1.42 -24.40 28.85
N1A FAD C . 0.08 -22.64 29.51
C2A FAD C . -0.36 -21.39 29.31
N3A FAD C . -0.02 -20.53 28.35
C4A FAD C . 0.91 -21.08 27.53
N1 FAD C . 2.95 -13.58 11.93
C2 FAD C . 2.37 -12.75 11.10
O2 FAD C . 1.22 -12.98 10.68
N3 FAD C . 2.97 -11.58 10.70
C4 FAD C . 4.22 -11.21 11.15
O4 FAD C . 4.71 -10.12 10.80
C4X FAD C . 4.85 -12.08 12.06
N5 FAD C . 6.02 -11.77 12.51
C5X FAD C . 6.59 -12.64 13.41
C6 FAD C . 7.83 -12.33 13.95
C7 FAD C . 8.44 -13.12 14.89
C7M FAD C . 9.81 -12.76 15.41
C8 FAD C . 7.79 -14.28 15.34
C8M FAD C . 8.43 -15.13 16.41
C9 FAD C . 6.59 -14.63 14.80
C9A FAD C . 5.94 -13.82 13.86
N10 FAD C . 4.70 -14.13 13.31
C10 FAD C . 4.12 -13.28 12.42
C1' FAD C . 4.00 -15.37 13.72
C2' FAD C . 3.03 -15.13 14.81
O2' FAD C . 3.64 -14.55 15.98
C3' FAD C . 2.37 -16.46 15.18
O3' FAD C . 1.93 -17.12 13.99
C4' FAD C . 1.17 -16.32 16.11
O4' FAD C . 1.49 -15.59 17.30
C5' FAD C . 0.62 -17.68 16.46
O5' FAD C . -0.54 -17.49 17.28
P FAD C . -1.05 -18.72 18.18
O1P FAD C . -0.61 -19.99 17.56
O2P FAD C . -2.46 -18.35 18.54
O3P FAD C . -0.11 -18.56 19.48
S DMS D . 22.17 14.59 3.13
O DMS D . 22.36 16.08 3.11
C1 DMS D . 20.47 14.30 3.54
C2 DMS D . 22.87 13.95 4.64
S DMS E . 17.75 -23.55 -2.62
O DMS E . 18.00 -22.56 -3.72
C1 DMS E . 16.02 -24.03 -2.72
C2 DMS E . 17.72 -22.70 -1.08
S DMS F . 7.01 -9.55 33.27
O DMS F . 6.83 -11.03 33.42
C1 DMS F . 8.49 -9.15 34.18
C2 DMS F . 5.84 -8.83 34.39
S DMS G . 4.87 -18.39 2.05
O DMS G . 4.10 -18.65 3.31
C1 DMS G . 4.30 -19.60 0.88
C2 DMS G . 6.49 -19.06 2.33
S DMS H . 24.02 2.58 -0.27
O DMS H . 23.91 3.33 1.03
C1 DMS H . 23.59 3.72 -1.58
C2 DMS H . 22.58 1.56 -0.33
S DMS I . 1.43 -31.42 -15.77
O DMS I . -0.01 -31.37 -15.27
C1 DMS I . 1.57 -32.90 -16.73
C2 DMS I . 2.45 -31.90 -14.39
S DMS J . 0.00 -5.65 33.69
O DMS J . 1.49 -5.43 33.66
C1 DMS J . -0.51 -5.96 32.01
C2 DMS J . -0.74 -4.05 33.89
MG MG K . -13.88 -10.85 32.45
PA FAD L . -3.79 15.61 -21.54
O1A FAD L . -3.92 16.87 -20.77
O2A FAD L . -2.91 14.53 -20.98
O5B FAD L . -3.18 15.95 -22.98
C5B FAD L . -3.66 17.08 -23.78
C4B FAD L . -2.54 17.53 -24.68
O4B FAD L . -3.07 18.28 -25.80
C3B FAD L . -1.49 18.41 -24.00
O3B FAD L . -0.24 17.73 -24.14
C2B FAD L . -1.59 19.76 -24.75
O2B FAD L . -0.34 20.36 -25.00
C1B FAD L . -2.19 19.35 -26.07
N9A FAD L . -2.96 20.36 -26.76
C8A FAD L . -4.00 21.14 -26.29
N7A FAD L . -4.56 21.86 -27.23
C5A FAD L . -3.92 21.48 -28.39
C6A FAD L . -4.08 21.85 -29.74
N6A FAD L . -5.04 22.67 -30.15
N1A FAD L . -3.26 21.27 -30.65
C2A FAD L . -2.34 20.40 -30.23
N3A FAD L . -2.09 19.97 -28.98
C4A FAD L . -2.93 20.55 -28.12
N1 FAD L . -4.77 12.19 -12.92
C2 FAD L . -4.52 11.05 -12.30
O2 FAD L . -5.03 10.01 -12.70
N3 FAD L . -3.66 10.98 -11.22
C4 FAD L . -3.07 12.08 -10.68
O4 FAD L . -2.28 11.94 -9.75
C4X FAD L . -3.33 13.31 -11.32
N5 FAD L . -2.76 14.39 -10.87
C5X FAD L . -3.00 15.56 -11.53
C6 FAD L . -2.38 16.72 -11.05
C7 FAD L . -2.53 17.94 -11.68
C7M FAD L . -1.84 19.15 -11.14
C8 FAD L . -3.33 18.01 -12.87
C8M FAD L . -3.53 19.30 -13.58
C9 FAD L . -4.00 16.88 -13.31
C9A FAD L . -3.81 15.63 -12.67
N10 FAD L . -4.45 14.46 -13.10
C10 FAD L . -4.20 13.27 -12.46
C1' FAD L . -5.33 14.44 -14.28
C2' FAD L . -4.62 13.99 -15.52
O2' FAD L . -3.46 14.79 -15.70
C3' FAD L . -5.55 14.21 -16.71
O3' FAD L . -6.80 13.63 -16.46
C4' FAD L . -5.01 13.62 -18.03
O4' FAD L . -3.71 14.15 -18.29
C5' FAD L . -5.93 13.94 -19.17
O5' FAD L . -5.49 13.21 -20.31
P FAD L . -6.03 13.62 -21.75
O1P FAD L . -5.65 12.65 -22.79
O2P FAD L . -7.46 14.04 -21.63
O3P FAD L . -5.21 15.01 -21.95
S DMS M . 15.95 14.91 15.91
O DMS M . 17.28 14.54 16.52
C1 DMS M . 15.67 13.79 14.57
C2 DMS M . 16.21 16.40 14.98
S DMS N . -20.02 22.83 -40.30
O DMS N . -21.28 23.19 -39.56
C1 DMS N . -19.71 24.09 -41.52
C2 DMS N . -20.45 21.51 -41.41
S DMS O . 9.52 24.04 -24.39
O DMS O . 9.36 25.24 -25.26
C1 DMS O . 10.92 24.37 -23.34
C2 DMS O . 10.22 22.79 -25.44
S DMS P . 1.91 4.03 -25.21
O DMS P . 3.27 3.39 -25.32
C1 DMS P . 2.17 5.77 -25.07
C2 DMS P . 1.36 3.76 -23.54
C10 WKY Q . -21.24 -12.49 10.15
C01 WKY Q . -19.19 -9.61 6.97
C02 WKY Q . -19.44 -11.04 7.35
C05 WKY Q . -20.14 -12.46 9.28
C06 WKY Q . -19.44 -13.63 9.04
C07 WKY Q . -19.85 -14.78 9.67
C09 WKY Q . -21.58 -13.70 10.73
C11 WKY Q . -22.05 -11.25 10.45
N04 WKY Q . -19.78 -11.24 8.66
N08 WKY Q . -20.90 -14.84 10.50
O03 WKY Q . -19.34 -11.96 6.54
BR BR R . -19.65 21.31 2.16
MG MG S . 7.01 7.14 -36.52
#